data_3G05
#
_entry.id   3G05
#
_cell.length_a   144.593
_cell.length_b   144.593
_cell.length_c   271.019
_cell.angle_alpha   90.000
_cell.angle_beta   90.000
_cell.angle_gamma   120.000
#
_symmetry.space_group_name_H-M   'P 31 2 1'
#
loop_
_entity.id
_entity.type
_entity.pdbx_description
1 polymer 'tRNA uridine 5-carboxymethylaminomethyl modification enzyme mnmG'
2 non-polymer 'SULFATE ION'
#
_entity_poly.entity_id   1
_entity_poly.type   'polypeptide(L)'
_entity_poly.pdbx_seq_one_letter_code
;MGSSHHHHHHHHDYDIPTTENLYFQGSFYPDPFDVIIIGGGHAGTEAAMAAARMGQQTLLLTHNIDTLGQMSCNPAIGGI
GKGHLVKEVDALGGLMAKAIDQAGIQFRILNASKGPAVRATRAQADRVLYRQAVRTALENQPNLMIFQQAVEDLIVENDR
VVGAVTQMGLKFRAKAVVLTVGTFLDGKIHIGLDNYSGGRAGDPPSIPLSRRLRELPLRVGRLKTGTPPRIDARTIDFSV
LAQQHGDNPMPVFSFMGNASQHPQQVPCYITHTNEKTHDVIRSNLDRSPMYAGVIEGVGPRYCPSIEDKVMRFADRNQHQ
IFLEPEGLTSNEIYPNGISTSLPFDVQMQIVRSMQGMENAKIVRPGYAIEYDFFDPRDLKPTLESKFIQGLFFAGQINGT
TGYEEAAAQGLLAGLNAARLSDDKEGWAPARSQAYLGVLVDDLCTLGTKEPYRMFTSRAEYRLMLREDNADLRLTEIGRE
LGLVDDERWARFNEKLENIERERQRLKSTWVTPSAEAAAEVNAHLTAPLSREASGEDLLRRPEMTYEKLTTLTPFAPALT
DEQAAEQVEIQVKYEG
;
_entity_poly.pdbx_strand_id   A,B
#
loop_
_chem_comp.id
_chem_comp.type
_chem_comp.name
_chem_comp.formula
SO4 non-polymer 'SULFATE ION' 'O4 S -2'
#
# COMPACT_ATOMS: atom_id res chain seq x y z
N GLN A 25 24.63 -4.38 -26.25
CA GLN A 25 24.30 -5.34 -25.16
C GLN A 25 23.49 -6.55 -25.66
N GLY A 26 24.18 -7.64 -26.04
CA GLY A 26 23.49 -8.82 -26.58
C GLY A 26 22.00 -8.54 -26.70
N SER A 27 21.21 -9.23 -25.89
CA SER A 27 19.80 -8.88 -25.68
C SER A 27 19.59 -8.98 -24.15
N PHE A 28 20.69 -8.70 -23.49
CA PHE A 28 21.11 -9.31 -22.25
C PHE A 28 21.58 -8.22 -21.34
N TYR A 29 20.78 -7.85 -20.37
CA TYR A 29 21.29 -6.89 -19.43
C TYR A 29 22.75 -7.15 -19.22
N PRO A 30 23.60 -6.12 -19.28
CA PRO A 30 25.06 -6.15 -19.09
C PRO A 30 25.59 -7.04 -17.95
N ASP A 31 25.39 -6.63 -16.71
CA ASP A 31 25.98 -7.36 -15.61
C ASP A 31 25.29 -8.70 -15.46
N PRO A 32 26.06 -9.77 -15.27
CA PRO A 32 25.58 -11.07 -14.83
C PRO A 32 25.41 -11.00 -13.33
N PHE A 33 24.56 -11.86 -12.78
CA PHE A 33 24.41 -12.04 -11.33
C PHE A 33 24.85 -13.42 -10.89
N ASP A 34 25.04 -13.57 -9.59
CA ASP A 34 25.30 -14.90 -9.07
C ASP A 34 23.97 -15.62 -9.07
N VAL A 35 23.03 -15.04 -8.35
CA VAL A 35 21.75 -15.66 -8.06
C VAL A 35 20.55 -14.79 -8.32
N ILE A 36 19.64 -15.32 -9.15
CA ILE A 36 18.32 -14.76 -9.44
C ILE A 36 17.13 -15.41 -8.69
N ILE A 37 16.44 -14.63 -7.88
CA ILE A 37 15.21 -15.13 -7.32
C ILE A 37 14.07 -14.73 -8.23
N ILE A 38 13.35 -15.73 -8.74
CA ILE A 38 12.23 -15.52 -9.66
C ILE A 38 10.92 -15.43 -8.90
N GLY A 39 10.37 -14.27 -8.76
CA GLY A 39 9.08 -14.26 -8.12
C GLY A 39 9.26 -13.91 -6.66
N GLY A 40 8.66 -12.77 -6.30
CA GLY A 40 8.89 -12.07 -5.04
C GLY A 40 7.87 -12.59 -4.07
N GLY A 41 7.93 -13.91 -3.93
CA GLY A 41 7.20 -14.68 -2.92
C GLY A 41 7.23 -14.18 -1.48
N HIS A 42 7.04 -15.16 -0.58
CA HIS A 42 7.48 -15.16 0.82
C HIS A 42 8.80 -15.89 0.81
N ALA A 43 8.68 -17.22 0.73
CA ALA A 43 9.75 -17.97 0.11
C ALA A 43 10.52 -17.04 -0.84
N GLY A 44 9.87 -16.51 -1.88
CA GLY A 44 10.57 -15.60 -2.78
C GLY A 44 11.49 -14.55 -2.17
N THR A 45 10.93 -13.70 -1.30
CA THR A 45 11.68 -12.70 -0.53
C THR A 45 12.84 -13.39 0.09
N GLU A 46 12.45 -14.25 1.03
CA GLU A 46 13.34 -14.70 2.07
C GLU A 46 14.60 -15.26 1.48
N ALA A 47 14.48 -15.79 0.26
CA ALA A 47 15.59 -16.33 -0.53
C ALA A 47 16.54 -15.23 -0.99
N ALA A 48 16.02 -14.32 -1.82
CA ALA A 48 16.72 -13.09 -2.21
C ALA A 48 17.43 -12.41 -1.02
N MET A 49 16.68 -12.09 0.02
CA MET A 49 17.31 -11.60 1.24
C MET A 49 18.52 -12.40 1.75
N ALA A 50 18.42 -13.73 1.81
CA ALA A 50 19.58 -14.60 2.14
C ALA A 50 20.70 -14.37 1.13
N ALA A 51 20.61 -15.00 -0.03
CA ALA A 51 21.70 -14.87 -0.99
C ALA A 51 22.39 -13.52 -1.02
N ALA A 52 21.62 -12.44 -1.01
CA ALA A 52 22.21 -11.10 -1.04
C ALA A 52 23.11 -10.83 0.15
N ARG A 53 22.55 -10.94 1.36
CA ARG A 53 23.30 -10.79 2.63
C ARG A 53 24.39 -11.84 2.86
N MET A 54 24.65 -12.67 1.89
CA MET A 54 25.80 -13.52 1.95
C MET A 54 26.73 -12.88 0.96
N GLY A 55 26.66 -11.57 0.85
CA GLY A 55 27.27 -10.88 -0.29
C GLY A 55 27.14 -11.48 -1.70
N GLN A 56 26.07 -12.19 -2.02
CA GLN A 56 25.96 -12.60 -3.42
C GLN A 56 25.15 -11.64 -4.29
N GLN A 57 25.61 -11.48 -5.54
CA GLN A 57 24.98 -10.52 -6.43
C GLN A 57 23.68 -11.09 -6.93
N THR A 58 22.61 -10.60 -6.30
CA THR A 58 21.30 -11.21 -6.28
C THR A 58 20.20 -10.36 -6.96
N LEU A 59 19.57 -10.94 -7.99
CA LEU A 59 18.46 -10.31 -8.75
C LEU A 59 17.10 -10.79 -8.31
N LEU A 60 16.31 -9.89 -7.74
CA LEU A 60 14.92 -10.21 -7.43
C LEU A 60 13.96 -9.69 -8.50
N LEU A 61 13.63 -10.54 -9.48
CA LEU A 61 12.55 -10.30 -10.47
C LEU A 61 11.15 -10.51 -9.87
N THR A 62 10.22 -9.62 -10.17
CA THR A 62 8.86 -9.74 -9.67
C THR A 62 7.96 -8.88 -10.55
N HIS A 63 6.72 -9.32 -10.78
CA HIS A 63 5.81 -8.64 -11.68
C HIS A 63 5.18 -7.45 -10.96
N ASN A 64 5.22 -7.44 -9.64
CA ASN A 64 4.67 -6.26 -9.02
C ASN A 64 5.12 -5.83 -7.64
N ILE A 65 6.18 -5.03 -7.65
CA ILE A 65 6.71 -4.53 -6.40
C ILE A 65 5.65 -4.18 -5.36
N ASP A 66 4.46 -3.77 -5.73
CA ASP A 66 3.65 -3.19 -4.68
C ASP A 66 2.95 -4.27 -3.89
N THR A 67 3.17 -5.52 -4.34
CA THR A 67 2.66 -6.69 -3.59
C THR A 67 3.63 -7.34 -2.59
N LEU A 68 4.92 -7.04 -2.64
CA LEU A 68 5.84 -7.67 -1.70
C LEU A 68 5.23 -7.54 -0.32
N GLY A 69 4.93 -8.67 0.30
CA GLY A 69 4.42 -8.60 1.66
C GLY A 69 2.99 -9.06 1.68
N GLN A 70 2.54 -9.49 0.52
CA GLN A 70 1.18 -9.87 0.32
C GLN A 70 0.93 -10.99 1.27
N MET A 71 -0.08 -10.90 2.11
CA MET A 71 -0.55 -12.08 2.83
C MET A 71 -1.90 -12.44 2.25
N SER A 72 -1.96 -13.55 1.52
CA SER A 72 -3.16 -13.89 0.78
C SER A 72 -4.09 -14.77 1.58
N CYS A 73 -3.62 -15.35 2.68
CA CYS A 73 -4.60 -16.02 3.53
C CYS A 73 -5.17 -15.08 4.57
N ASN A 74 -5.25 -15.42 5.85
CA ASN A 74 -5.71 -14.38 6.74
C ASN A 74 -4.48 -13.61 7.09
N PRO A 75 -4.63 -12.51 7.82
CA PRO A 75 -3.58 -11.56 8.11
C PRO A 75 -2.95 -11.87 9.45
N ALA A 76 -2.26 -12.99 9.47
CA ALA A 76 -1.73 -13.52 10.70
C ALA A 76 -0.43 -14.21 10.41
N ILE A 77 0.42 -14.22 11.44
CA ILE A 77 1.66 -14.95 11.32
C ILE A 77 1.95 -15.83 12.50
N GLY A 78 2.46 -17.00 12.12
CA GLY A 78 2.75 -18.12 13.01
C GLY A 78 1.60 -18.84 13.69
N GLY A 79 1.71 -18.96 15.01
CA GLY A 79 1.01 -19.98 15.76
C GLY A 79 1.74 -21.32 15.69
N ILE A 80 1.18 -22.30 16.40
CA ILE A 80 1.81 -23.62 16.54
C ILE A 80 2.59 -24.12 15.33
N GLY A 81 3.86 -24.45 15.53
CA GLY A 81 4.68 -24.93 14.43
C GLY A 81 5.04 -23.90 13.38
N LYS A 82 4.04 -23.12 12.96
CA LYS A 82 4.30 -21.95 12.13
C LYS A 82 5.21 -21.04 12.90
N GLY A 83 4.80 -20.73 14.13
CA GLY A 83 5.65 -20.00 15.07
C GLY A 83 7.07 -20.54 14.95
N HIS A 84 7.25 -21.77 15.41
CA HIS A 84 8.51 -22.51 15.38
C HIS A 84 9.31 -22.20 14.13
N LEU A 85 8.66 -22.41 13.01
CA LEU A 85 9.30 -22.29 11.77
C LEU A 85 9.78 -20.86 11.59
N VAL A 86 9.07 -19.89 12.18
CA VAL A 86 9.47 -18.48 12.00
C VAL A 86 10.77 -18.17 12.76
N LYS A 87 10.77 -18.50 14.05
CA LYS A 87 11.86 -18.21 14.96
C LYS A 87 13.09 -18.86 14.45
N GLU A 88 12.96 -19.92 13.67
CA GLU A 88 14.15 -20.51 13.08
C GLU A 88 14.58 -19.59 11.95
N VAL A 89 13.61 -19.21 11.12
CA VAL A 89 13.93 -18.34 10.00
C VAL A 89 14.62 -17.11 10.56
N ASP A 90 14.22 -16.74 11.77
CA ASP A 90 14.80 -15.61 12.46
C ASP A 90 16.25 -15.85 12.77
N ALA A 91 16.51 -16.90 13.56
CA ALA A 91 17.87 -17.22 14.02
C ALA A 91 18.77 -17.29 12.82
N LEU A 92 18.25 -17.89 11.77
CA LEU A 92 19.03 -17.98 10.56
C LEU A 92 19.20 -16.63 9.91
N GLY A 93 18.46 -15.63 10.40
CA GLY A 93 18.71 -14.24 10.04
C GLY A 93 17.78 -13.63 9.00
N GLY A 94 16.82 -14.39 8.52
CA GLY A 94 15.80 -13.80 7.64
C GLY A 94 14.83 -12.79 8.23
N LEU A 95 13.86 -12.42 7.39
CA LEU A 95 13.01 -11.23 7.54
C LEU A 95 11.72 -11.38 8.34
N MET A 96 10.94 -12.38 7.98
CA MET A 96 9.61 -12.55 8.52
C MET A 96 9.46 -12.15 10.00
N ALA A 97 10.47 -12.42 10.81
CA ALA A 97 10.27 -12.36 12.25
C ALA A 97 10.16 -10.92 12.52
N LYS A 98 11.19 -10.26 11.99
CA LYS A 98 11.35 -8.81 12.13
C LYS A 98 10.07 -8.23 11.51
N ALA A 99 9.81 -8.47 10.23
CA ALA A 99 8.61 -7.90 9.66
C ALA A 99 7.41 -7.96 10.63
N ILE A 100 6.89 -9.14 10.96
CA ILE A 100 5.67 -9.17 11.77
C ILE A 100 5.71 -8.34 13.06
N ASP A 101 6.89 -8.20 13.67
CA ASP A 101 7.12 -7.29 14.81
C ASP A 101 6.83 -5.86 14.48
N GLN A 102 7.30 -5.52 13.30
CA GLN A 102 7.29 -4.18 12.81
C GLN A 102 5.83 -3.86 12.50
N ALA A 103 5.04 -4.90 12.20
CA ALA A 103 3.62 -4.77 11.78
C ALA A 103 2.55 -5.56 12.57
N GLY A 104 2.76 -5.80 13.86
CA GLY A 104 1.88 -6.72 14.55
C GLY A 104 0.84 -5.97 15.36
N ILE A 105 -0.44 -6.22 15.11
CA ILE A 105 -1.44 -5.47 15.85
C ILE A 105 -1.98 -6.32 17.00
N GLN A 106 -1.46 -7.55 17.12
CA GLN A 106 -1.80 -8.46 18.25
C GLN A 106 -0.81 -9.59 18.45
N PHE A 107 -0.32 -9.77 19.68
CA PHE A 107 0.57 -10.91 20.01
C PHE A 107 0.07 -11.86 21.14
N ARG A 108 0.06 -13.15 20.85
CA ARG A 108 -0.35 -14.15 21.82
C ARG A 108 0.70 -15.24 21.81
N ILE A 109 0.80 -15.98 22.93
CA ILE A 109 1.66 -17.17 23.05
C ILE A 109 0.75 -18.39 23.27
N LEU A 110 0.50 -19.18 22.23
CA LEU A 110 -0.44 -20.26 22.41
C LEU A 110 0.23 -21.31 23.27
N ASN A 111 -0.54 -22.00 24.11
CA ASN A 111 -0.04 -23.07 24.99
C ASN A 111 0.93 -22.49 25.96
N ALA A 112 0.47 -21.63 26.85
CA ALA A 112 1.40 -20.80 27.57
C ALA A 112 1.75 -21.50 28.86
N SER A 113 0.81 -22.36 29.26
CA SER A 113 0.88 -23.18 30.46
C SER A 113 1.24 -24.61 30.09
N LYS A 114 1.48 -24.88 28.82
CA LYS A 114 1.66 -26.26 28.41
C LYS A 114 3.11 -26.67 28.32
N GLY A 115 4.03 -25.84 28.75
CA GLY A 115 5.43 -26.30 28.68
C GLY A 115 6.11 -26.35 27.30
N PRO A 116 7.35 -25.85 27.28
CA PRO A 116 8.11 -25.22 26.21
C PRO A 116 8.12 -25.98 24.92
N ALA A 117 7.67 -27.20 24.93
CA ALA A 117 7.91 -27.94 23.73
C ALA A 117 6.92 -27.47 22.69
N VAL A 118 5.87 -26.80 23.17
CA VAL A 118 4.64 -26.70 22.41
C VAL A 118 4.00 -25.31 22.55
N ARG A 119 4.70 -24.44 23.28
CA ARG A 119 4.35 -23.02 23.28
C ARG A 119 4.66 -22.50 21.88
N ALA A 120 3.80 -21.61 21.38
CA ALA A 120 4.00 -20.96 20.09
C ALA A 120 3.54 -19.53 20.21
N THR A 121 4.08 -18.70 19.33
CA THR A 121 3.71 -17.33 19.31
C THR A 121 2.93 -17.13 18.06
N ARG A 122 1.80 -16.44 18.12
CA ARG A 122 1.23 -15.89 16.90
C ARG A 122 0.61 -14.53 17.00
N ALA A 123 0.65 -13.87 15.84
CA ALA A 123 0.34 -12.45 15.66
C ALA A 123 -0.50 -12.14 14.46
N GLN A 124 -1.27 -11.09 14.65
CA GLN A 124 -2.17 -10.49 13.67
C GLN A 124 -1.38 -9.40 12.95
N ALA A 125 -1.38 -9.47 11.62
CA ALA A 125 -0.69 -8.48 10.81
C ALA A 125 -1.65 -7.36 10.49
N ASP A 126 -1.13 -6.12 10.46
CA ASP A 126 -1.77 -5.03 9.74
C ASP A 126 -1.29 -5.21 8.31
N ARG A 127 -2.21 -5.60 7.44
CA ARG A 127 -1.84 -5.99 6.09
C ARG A 127 -0.83 -5.03 5.46
N VAL A 128 -1.05 -3.70 5.65
CA VAL A 128 -0.30 -2.66 4.93
C VAL A 128 1.11 -2.61 5.46
N LEU A 129 1.17 -2.16 6.71
CA LEU A 129 2.33 -2.25 7.57
C LEU A 129 3.32 -3.35 7.14
N TYR A 130 2.94 -4.62 7.34
CA TYR A 130 3.75 -5.77 6.91
C TYR A 130 4.27 -5.49 5.53
N ARG A 131 3.33 -5.30 4.61
CA ARG A 131 3.66 -5.17 3.20
C ARG A 131 4.75 -4.10 3.05
N GLN A 132 4.64 -3.03 3.87
CA GLN A 132 5.56 -1.89 3.92
C GLN A 132 6.92 -2.45 4.27
N ALA A 133 7.06 -2.77 5.55
CA ALA A 133 8.15 -3.53 6.13
C ALA A 133 8.88 -4.55 5.21
N VAL A 134 8.16 -5.39 4.50
CA VAL A 134 8.90 -6.34 3.73
C VAL A 134 9.39 -5.63 2.51
N ARG A 135 8.66 -4.61 2.06
CA ARG A 135 9.19 -3.96 0.87
C ARG A 135 10.45 -3.24 1.26
N THR A 136 10.26 -2.26 2.15
CA THR A 136 11.34 -1.33 2.50
C THR A 136 12.57 -2.20 2.73
N ALA A 137 12.41 -3.33 3.42
CA ALA A 137 13.57 -4.17 3.75
C ALA A 137 14.28 -4.76 2.56
N LEU A 138 13.58 -5.29 1.56
CA LEU A 138 14.31 -5.78 0.40
C LEU A 138 14.88 -4.61 -0.39
N GLU A 139 14.16 -3.49 -0.33
CA GLU A 139 14.53 -2.30 -1.09
C GLU A 139 15.88 -1.76 -0.67
N ASN A 140 16.17 -1.93 0.64
CA ASN A 140 17.31 -1.34 1.31
C ASN A 140 18.37 -2.30 1.72
N GLN A 141 18.70 -3.25 0.86
CA GLN A 141 19.59 -4.29 1.32
C GLN A 141 20.67 -4.71 0.33
N PRO A 142 21.89 -4.38 0.71
CA PRO A 142 23.22 -4.59 0.21
C PRO A 142 23.16 -5.79 -0.71
N ASN A 143 23.59 -5.64 -1.96
CA ASN A 143 23.62 -6.75 -2.92
C ASN A 143 22.38 -7.24 -3.70
N LEU A 144 21.20 -6.72 -3.35
CA LEU A 144 19.93 -7.14 -3.94
C LEU A 144 19.51 -6.12 -4.93
N MET A 145 19.44 -6.47 -6.20
CA MET A 145 18.74 -5.57 -7.09
C MET A 145 17.35 -6.13 -7.39
N ILE A 146 16.34 -5.38 -6.90
CA ILE A 146 14.94 -5.64 -7.25
C ILE A 146 14.71 -5.01 -8.59
N PHE A 147 13.94 -5.69 -9.42
CA PHE A 147 13.70 -5.20 -10.75
C PHE A 147 12.53 -5.94 -11.28
N GLN A 148 11.53 -5.17 -11.72
CA GLN A 148 10.13 -5.61 -11.81
C GLN A 148 9.61 -6.00 -13.17
N GLN A 149 9.75 -7.28 -13.49
CA GLN A 149 9.18 -7.81 -14.69
C GLN A 149 8.65 -9.14 -14.32
N ALA A 150 7.86 -9.71 -15.21
CA ALA A 150 7.55 -11.13 -15.09
C ALA A 150 8.52 -11.94 -15.88
N VAL A 151 8.58 -13.22 -15.59
CA VAL A 151 9.54 -14.03 -16.28
C VAL A 151 8.84 -14.81 -17.39
N GLU A 152 9.43 -14.74 -18.56
CA GLU A 152 8.98 -15.51 -19.70
C GLU A 152 9.31 -16.97 -19.44
N ASP A 153 10.57 -17.25 -19.11
CA ASP A 153 11.08 -18.60 -19.20
C ASP A 153 12.46 -18.61 -18.60
N LEU A 154 12.91 -19.79 -18.17
CA LEU A 154 14.33 -20.01 -17.95
C LEU A 154 15.14 -20.09 -19.27
N ILE A 155 16.44 -19.84 -19.16
CA ILE A 155 17.41 -20.06 -20.22
C ILE A 155 18.12 -21.29 -19.75
N VAL A 156 18.19 -22.34 -20.56
CA VAL A 156 18.89 -23.52 -20.08
C VAL A 156 19.92 -24.06 -21.03
N GLU A 157 21.13 -24.22 -20.54
CA GLU A 157 22.18 -24.75 -21.38
C GLU A 157 22.72 -26.04 -20.77
N ASN A 158 22.43 -27.17 -21.41
CA ASN A 158 22.90 -28.45 -20.91
C ASN A 158 22.39 -28.82 -19.52
N ASP A 159 21.07 -28.81 -19.32
CA ASP A 159 20.45 -29.17 -18.03
C ASP A 159 20.94 -28.35 -16.81
N ARG A 160 21.55 -27.21 -17.10
CA ARG A 160 21.94 -26.25 -16.09
C ARG A 160 21.12 -25.02 -16.45
N VAL A 161 20.58 -24.34 -15.45
CA VAL A 161 20.01 -23.01 -15.63
C VAL A 161 21.19 -22.17 -16.01
N VAL A 162 20.96 -20.95 -16.44
CA VAL A 162 22.09 -20.10 -16.67
C VAL A 162 21.55 -18.70 -16.82
N GLY A 163 20.22 -18.61 -16.89
CA GLY A 163 19.54 -17.33 -16.94
C GLY A 163 18.04 -17.35 -17.07
N ALA A 164 17.39 -16.28 -16.67
CA ALA A 164 15.98 -16.10 -16.93
C ALA A 164 15.79 -15.14 -18.11
N VAL A 165 14.64 -15.21 -18.79
CA VAL A 165 14.25 -14.19 -19.76
C VAL A 165 12.99 -13.51 -19.32
N THR A 166 12.97 -12.18 -19.28
CA THR A 166 11.76 -11.53 -18.81
C THR A 166 10.72 -11.40 -19.90
N GLN A 167 9.46 -11.18 -19.51
CA GLN A 167 8.36 -10.99 -20.46
C GLN A 167 8.85 -10.03 -21.51
N MET A 168 8.94 -8.77 -21.11
CA MET A 168 9.64 -7.69 -21.80
C MET A 168 10.50 -8.18 -22.96
N GLY A 169 11.45 -9.05 -22.67
CA GLY A 169 12.38 -9.48 -23.68
C GLY A 169 13.77 -9.55 -23.10
N LEU A 170 14.01 -8.72 -22.09
CA LEU A 170 15.26 -8.72 -21.36
C LEU A 170 15.67 -10.11 -20.86
N LYS A 171 16.95 -10.44 -21.06
CA LYS A 171 17.56 -11.64 -20.47
C LYS A 171 18.59 -11.34 -19.38
N PHE A 172 18.59 -12.13 -18.31
CA PHE A 172 19.68 -12.05 -17.34
C PHE A 172 20.45 -13.35 -17.21
N ARG A 173 21.77 -13.28 -17.23
CA ARG A 173 22.54 -14.45 -16.81
C ARG A 173 22.70 -14.49 -15.30
N ALA A 174 22.46 -15.67 -14.72
CA ALA A 174 22.83 -15.91 -13.33
C ALA A 174 23.50 -17.28 -13.22
N LYS A 175 24.19 -17.52 -12.11
CA LYS A 175 24.77 -18.84 -11.93
C LYS A 175 23.85 -19.86 -11.28
N ALA A 176 22.87 -19.40 -10.50
CA ALA A 176 21.84 -20.24 -9.89
C ALA A 176 20.58 -19.44 -9.87
N VAL A 177 19.43 -20.08 -10.11
CA VAL A 177 18.08 -19.47 -10.02
C VAL A 177 17.16 -20.08 -8.99
N VAL A 178 16.45 -19.28 -8.21
CA VAL A 178 15.43 -19.88 -7.38
C VAL A 178 14.04 -19.64 -7.95
N LEU A 179 13.33 -20.70 -8.32
CA LEU A 179 12.04 -20.50 -8.94
C LEU A 179 11.05 -20.38 -7.81
N THR A 180 10.08 -19.50 -7.93
CA THR A 180 9.27 -19.23 -6.77
C THR A 180 7.79 -19.12 -7.03
N VAL A 181 7.37 -18.38 -8.04
CA VAL A 181 5.96 -18.36 -8.38
C VAL A 181 5.15 -17.26 -7.69
N GLY A 182 5.16 -17.27 -6.36
CA GLY A 182 4.23 -16.47 -5.58
C GLY A 182 4.01 -15.04 -6.03
N THR A 183 3.13 -14.35 -5.31
CA THR A 183 2.81 -12.95 -5.56
C THR A 183 1.84 -12.84 -6.70
N PHE A 184 1.70 -13.94 -7.45
CA PHE A 184 1.08 -13.89 -8.79
C PHE A 184 -0.34 -14.49 -8.89
N LEU A 185 -0.46 -15.56 -9.70
CA LEU A 185 -1.68 -16.33 -10.05
C LEU A 185 -1.21 -17.52 -10.97
N ASP A 186 -1.83 -17.83 -12.12
CA ASP A 186 -3.27 -17.71 -12.45
C ASP A 186 -4.16 -18.47 -11.41
N GLY A 187 -5.31 -18.98 -11.82
CA GLY A 187 -6.03 -19.84 -10.89
C GLY A 187 -7.40 -20.41 -11.18
N LYS A 188 -8.14 -19.78 -12.08
CA LYS A 188 -9.57 -20.04 -12.14
C LYS A 188 -10.03 -19.89 -10.67
N ILE A 189 -10.64 -18.74 -10.41
CA ILE A 189 -11.27 -18.47 -9.16
C ILE A 189 -12.66 -18.98 -9.27
N HIS A 190 -13.15 -19.65 -8.23
CA HIS A 190 -14.52 -20.17 -8.22
C HIS A 190 -15.22 -19.46 -7.09
N ILE A 191 -16.33 -18.79 -7.38
CA ILE A 191 -17.15 -18.24 -6.32
C ILE A 191 -18.56 -18.77 -6.54
N GLY A 192 -18.96 -19.82 -5.81
CA GLY A 192 -20.04 -20.66 -6.32
C GLY A 192 -19.59 -20.97 -7.74
N LEU A 193 -20.14 -22.02 -8.35
CA LEU A 193 -19.67 -22.48 -9.66
C LEU A 193 -19.57 -21.37 -10.71
N ASP A 194 -18.40 -20.71 -10.76
CA ASP A 194 -18.09 -19.61 -11.72
C ASP A 194 -16.59 -19.35 -11.86
N SER A 206 1.13 -18.78 -23.05
CA SER A 206 0.70 -18.94 -21.66
C SER A 206 1.91 -19.22 -20.75
N ILE A 207 3.05 -18.60 -21.12
CA ILE A 207 4.32 -18.65 -20.35
C ILE A 207 5.05 -20.03 -20.55
N PRO A 208 6.07 -20.03 -21.44
CA PRO A 208 6.87 -21.24 -21.77
C PRO A 208 7.54 -21.93 -20.58
N LEU A 209 7.81 -21.14 -19.53
CA LEU A 209 8.33 -21.69 -18.31
C LEU A 209 7.40 -22.79 -17.80
N SER A 210 6.09 -22.64 -18.00
CA SER A 210 5.15 -23.71 -17.64
C SER A 210 5.33 -24.91 -18.55
N ARG A 211 5.40 -24.66 -19.85
CA ARG A 211 5.64 -25.74 -20.77
C ARG A 211 6.98 -26.39 -20.43
N ARG A 212 8.09 -25.66 -20.50
CA ARG A 212 9.34 -26.40 -20.36
C ARG A 212 9.29 -27.27 -19.14
N LEU A 213 8.94 -26.68 -18.00
CA LEU A 213 8.85 -27.47 -16.79
C LEU A 213 8.19 -28.82 -17.06
N ARG A 214 6.97 -28.79 -17.56
CA ARG A 214 6.18 -29.99 -17.77
C ARG A 214 6.80 -30.98 -18.74
N GLU A 215 7.66 -30.52 -19.64
CA GLU A 215 8.36 -31.41 -20.57
C GLU A 215 9.48 -32.26 -19.95
N LEU A 216 9.96 -31.86 -18.77
CA LEU A 216 10.70 -32.74 -17.89
C LEU A 216 9.65 -33.56 -17.14
N PRO A 217 10.05 -34.73 -16.66
CA PRO A 217 9.24 -35.68 -15.88
C PRO A 217 8.82 -35.16 -14.49
N LEU A 218 8.13 -34.02 -14.43
CA LEU A 218 7.71 -33.40 -13.16
C LEU A 218 6.31 -33.78 -12.72
N ARG A 219 6.17 -34.44 -11.58
CA ARG A 219 4.86 -34.89 -11.15
C ARG A 219 4.03 -33.72 -10.61
N VAL A 220 3.03 -33.26 -11.40
CA VAL A 220 2.17 -32.10 -11.09
C VAL A 220 0.97 -32.39 -10.20
N GLY A 221 0.61 -31.47 -9.31
CA GLY A 221 -0.62 -31.65 -8.53
C GLY A 221 -1.45 -30.39 -8.64
N ARG A 222 -2.74 -30.45 -8.29
CA ARG A 222 -3.52 -29.22 -8.15
C ARG A 222 -3.58 -29.11 -6.67
N LEU A 223 -3.96 -27.96 -6.16
CA LEU A 223 -3.98 -27.75 -4.75
C LEU A 223 -4.92 -26.58 -4.74
N LYS A 224 -5.81 -26.48 -3.77
CA LYS A 224 -6.82 -25.45 -3.92
C LYS A 224 -7.32 -24.73 -2.69
N THR A 225 -6.46 -23.85 -2.16
CA THR A 225 -6.86 -22.72 -1.29
C THR A 225 -8.06 -21.85 -1.74
N GLY A 226 -8.85 -21.49 -0.72
CA GLY A 226 -9.90 -20.46 -0.73
C GLY A 226 -9.67 -19.42 0.37
N THR A 227 -10.73 -18.60 0.61
CA THR A 227 -10.78 -17.31 1.37
C THR A 227 -12.17 -16.89 1.73
N PRO A 228 -12.40 -16.30 2.92
CA PRO A 228 -13.78 -16.00 3.31
C PRO A 228 -14.32 -14.76 2.63
N PRO A 229 -15.52 -14.31 3.00
CA PRO A 229 -15.78 -13.15 2.23
C PRO A 229 -15.45 -12.09 3.25
N ARG A 230 -14.69 -11.10 2.80
CA ARG A 230 -14.10 -10.02 3.60
C ARG A 230 -15.20 -8.98 3.93
N ILE A 231 -15.36 -8.60 5.19
CA ILE A 231 -16.65 -7.98 5.59
C ILE A 231 -16.49 -6.54 6.10
N ASP A 232 -17.27 -5.56 5.62
CA ASP A 232 -17.14 -4.18 6.16
C ASP A 232 -17.40 -3.99 7.65
N ALA A 233 -16.44 -3.33 8.29
CA ALA A 233 -16.44 -3.25 9.73
C ALA A 233 -17.61 -2.49 10.26
N ARG A 234 -18.20 -1.63 9.45
CA ARG A 234 -19.34 -0.90 9.97
C ARG A 234 -20.55 -1.80 10.04
N THR A 235 -20.79 -2.61 9.03
CA THR A 235 -22.01 -3.37 9.15
C THR A 235 -22.05 -4.37 10.31
N ILE A 236 -21.11 -4.29 11.26
CA ILE A 236 -21.00 -5.31 12.32
C ILE A 236 -21.24 -4.82 13.75
N ASP A 237 -22.06 -5.54 14.53
CA ASP A 237 -22.41 -5.02 15.85
C ASP A 237 -21.44 -5.37 17.00
N PHE A 238 -20.16 -5.13 16.83
CA PHE A 238 -19.21 -5.59 17.83
C PHE A 238 -19.63 -5.48 19.28
N SER A 239 -20.79 -4.89 19.56
CA SER A 239 -21.10 -4.58 20.95
C SER A 239 -21.47 -5.84 21.69
N VAL A 240 -21.86 -6.86 20.94
CA VAL A 240 -22.40 -8.09 21.52
C VAL A 240 -21.41 -9.28 21.50
N LEU A 241 -20.59 -9.34 20.46
CA LEU A 241 -19.47 -10.28 20.36
C LEU A 241 -18.51 -10.09 21.52
N ALA A 242 -17.86 -11.16 21.97
CA ALA A 242 -16.72 -10.95 22.86
C ALA A 242 -15.39 -10.87 22.16
N GLN A 243 -14.44 -10.35 22.90
CA GLN A 243 -13.17 -9.99 22.29
C GLN A 243 -11.99 -10.49 23.06
N GLN A 244 -10.93 -10.78 22.31
CA GLN A 244 -9.75 -11.49 22.79
C GLN A 244 -8.49 -10.66 22.55
N HIS A 245 -7.85 -10.26 23.64
CA HIS A 245 -6.73 -9.33 23.58
C HIS A 245 -5.34 -9.98 23.50
N GLY A 246 -4.30 -9.17 23.36
CA GLY A 246 -2.94 -9.70 23.39
C GLY A 246 -2.42 -10.03 24.79
N ASP A 247 -1.15 -10.45 24.88
CA ASP A 247 -0.58 -10.79 26.18
C ASP A 247 0.16 -9.57 26.70
N ASN A 248 -0.07 -9.22 27.95
CA ASN A 248 0.69 -8.18 28.65
C ASN A 248 1.52 -8.87 29.72
N PRO A 249 2.86 -8.77 29.66
CA PRO A 249 3.62 -8.04 28.68
C PRO A 249 3.62 -8.74 27.34
N MET A 250 4.06 -7.99 26.33
CA MET A 250 3.81 -8.25 24.94
C MET A 250 4.94 -9.06 24.37
N PRO A 251 4.62 -10.24 23.84
CA PRO A 251 5.52 -11.13 23.11
C PRO A 251 6.28 -10.35 22.05
N VAL A 252 7.46 -10.80 21.64
CA VAL A 252 8.15 -10.18 20.52
C VAL A 252 8.63 -11.26 19.59
N PHE A 253 8.58 -11.08 18.30
CA PHE A 253 8.78 -12.28 17.52
C PHE A 253 10.21 -12.55 17.25
N SER A 254 10.92 -11.60 16.67
CA SER A 254 12.31 -11.91 16.38
C SER A 254 13.13 -11.86 17.63
N PHE A 255 14.34 -12.40 17.55
CA PHE A 255 15.22 -12.51 18.70
C PHE A 255 15.90 -11.19 18.94
N MET A 256 15.81 -10.30 17.97
CA MET A 256 16.40 -9.00 18.15
C MET A 256 15.31 -7.99 18.37
N GLY A 257 14.06 -8.34 18.10
CA GLY A 257 12.98 -7.41 18.36
C GLY A 257 12.98 -6.91 19.79
N ASN A 258 12.55 -5.67 20.00
CA ASN A 258 12.08 -5.24 21.30
C ASN A 258 10.58 -4.89 21.26
N ALA A 259 9.91 -5.25 22.35
CA ALA A 259 8.50 -5.00 22.52
C ALA A 259 7.98 -3.72 21.87
N SER A 260 8.68 -2.60 22.09
CA SER A 260 8.09 -1.31 21.70
C SER A 260 7.78 -1.28 20.20
N GLN A 261 8.84 -1.31 19.38
CA GLN A 261 8.82 -1.71 17.96
C GLN A 261 7.47 -2.09 17.30
N HIS A 262 6.49 -2.51 18.10
CA HIS A 262 5.20 -2.96 17.60
C HIS A 262 4.21 -1.82 17.42
N PRO A 263 3.43 -1.80 16.33
CA PRO A 263 2.31 -0.88 16.17
C PRO A 263 1.44 -0.80 17.41
N GLN A 264 0.36 -0.02 17.30
CA GLN A 264 -0.76 -0.06 18.22
C GLN A 264 -1.32 -1.47 18.32
N GLN A 265 -2.03 -1.76 19.40
CA GLN A 265 -2.61 -3.07 19.54
C GLN A 265 -4.14 -3.10 19.71
N VAL A 266 -4.83 -3.53 18.66
CA VAL A 266 -6.28 -3.79 18.71
C VAL A 266 -6.67 -5.18 19.29
N PRO A 267 -7.97 -5.42 19.61
CA PRO A 267 -8.36 -6.79 19.95
C PRO A 267 -8.99 -7.49 18.73
N CYS A 268 -9.22 -8.80 18.80
CA CYS A 268 -9.97 -9.51 17.77
C CYS A 268 -11.30 -9.94 18.29
N TYR A 269 -12.27 -10.09 17.40
CA TYR A 269 -13.63 -10.28 17.88
C TYR A 269 -14.12 -11.68 17.56
N ILE A 270 -14.94 -12.24 18.45
CA ILE A 270 -15.33 -13.66 18.36
C ILE A 270 -16.81 -13.88 18.29
N THR A 271 -17.35 -14.30 17.14
CA THR A 271 -18.75 -14.65 17.06
C THR A 271 -18.62 -16.06 16.62
N HIS A 272 -19.72 -16.83 16.66
CA HIS A 272 -19.75 -18.22 16.20
C HIS A 272 -20.73 -18.43 15.11
N THR A 273 -20.72 -19.65 14.61
CA THR A 273 -21.61 -20.06 13.57
C THR A 273 -22.78 -20.72 14.31
N ASN A 274 -23.82 -21.17 13.62
CA ASN A 274 -24.85 -21.97 14.30
C ASN A 274 -25.94 -22.55 13.41
N GLU A 275 -26.79 -23.34 14.02
CA GLU A 275 -27.66 -24.25 13.28
C GLU A 275 -28.17 -23.71 11.96
N LYS A 276 -28.73 -22.49 11.96
CA LYS A 276 -29.30 -21.90 10.74
C LYS A 276 -28.21 -21.81 9.68
N THR A 277 -27.03 -21.42 10.15
CA THR A 277 -25.90 -21.16 9.30
C THR A 277 -25.71 -22.40 8.50
N HIS A 278 -25.45 -23.47 9.24
CA HIS A 278 -25.21 -24.79 8.67
C HIS A 278 -26.36 -25.20 7.78
N ASP A 279 -27.56 -25.07 8.34
CA ASP A 279 -28.77 -25.46 7.67
C ASP A 279 -28.71 -24.82 6.33
N VAL A 280 -28.07 -23.65 6.27
CA VAL A 280 -27.96 -22.94 5.01
C VAL A 280 -26.90 -23.55 4.10
N ILE A 281 -25.76 -23.88 4.68
CA ILE A 281 -24.68 -24.49 3.93
C ILE A 281 -25.16 -25.81 3.33
N ARG A 282 -25.96 -26.55 4.11
CA ARG A 282 -26.34 -27.91 3.73
C ARG A 282 -27.27 -27.81 2.57
N SER A 283 -28.30 -26.98 2.77
CA SER A 283 -29.41 -26.80 1.82
C SER A 283 -28.84 -26.26 0.53
N ASN A 284 -27.69 -25.63 0.65
CA ASN A 284 -27.09 -24.99 -0.52
C ASN A 284 -25.92 -25.72 -1.16
N LEU A 285 -25.46 -26.76 -0.49
CA LEU A 285 -24.31 -27.56 -0.87
C LEU A 285 -24.22 -27.91 -2.35
N ASP A 286 -25.33 -28.35 -2.95
CA ASP A 286 -25.51 -28.52 -4.41
C ASP A 286 -24.94 -27.42 -5.30
N ARG A 287 -24.34 -26.40 -4.68
CA ARG A 287 -23.43 -25.46 -5.35
C ARG A 287 -21.98 -25.49 -4.83
N SER A 288 -21.08 -25.04 -5.70
CA SER A 288 -19.72 -25.61 -5.87
C SER A 288 -19.15 -26.45 -4.81
N PRO A 289 -18.09 -27.11 -5.23
CA PRO A 289 -17.55 -28.42 -4.78
C PRO A 289 -16.80 -28.47 -3.43
N PRO A 304 -10.61 -26.59 5.94
CA PRO A 304 -10.33 -25.17 6.18
C PRO A 304 -11.61 -24.35 5.97
N SER A 305 -12.17 -24.57 4.77
CA SER A 305 -13.46 -24.09 4.26
C SER A 305 -14.54 -24.42 5.24
N ILE A 306 -15.64 -23.67 5.25
CA ILE A 306 -16.62 -23.95 6.26
C ILE A 306 -17.65 -24.88 5.71
N GLU A 307 -17.92 -24.85 4.42
CA GLU A 307 -18.84 -25.86 3.94
C GLU A 307 -18.19 -27.23 4.12
N ASP A 308 -16.94 -27.27 4.52
CA ASP A 308 -16.30 -28.55 4.71
C ASP A 308 -16.27 -28.87 6.18
N LYS A 309 -16.11 -27.82 6.97
CA LYS A 309 -16.10 -27.97 8.41
C LYS A 309 -17.46 -28.43 8.85
N VAL A 310 -18.40 -28.52 7.93
CA VAL A 310 -19.73 -28.93 8.32
C VAL A 310 -20.00 -30.27 7.72
N MET A 311 -20.02 -30.38 6.41
CA MET A 311 -20.14 -31.73 5.89
C MET A 311 -19.39 -32.76 6.72
N ARG A 312 -18.78 -32.33 7.84
CA ARG A 312 -17.97 -33.29 8.60
C ARG A 312 -18.26 -33.35 10.11
N PHE A 313 -19.52 -33.03 10.50
CA PHE A 313 -19.93 -32.95 11.93
C PHE A 313 -21.43 -32.74 12.35
N ALA A 314 -21.60 -32.62 13.68
CA ALA A 314 -22.59 -31.78 14.37
C ALA A 314 -22.04 -30.35 14.67
N ASP A 315 -22.89 -29.56 15.32
CA ASP A 315 -23.29 -28.28 14.73
C ASP A 315 -24.34 -27.58 15.61
N ARG A 316 -24.46 -28.10 16.82
CA ARG A 316 -24.61 -27.31 18.02
C ARG A 316 -23.35 -27.70 18.79
N ASN A 317 -22.33 -28.09 18.04
CA ASN A 317 -22.15 -27.66 16.67
C ASN A 317 -22.31 -26.21 16.36
N GLN A 318 -21.63 -25.43 17.17
CA GLN A 318 -21.28 -24.06 16.80
C GLN A 318 -19.75 -23.96 16.64
N HIS A 319 -19.23 -23.31 15.58
CA HIS A 319 -17.78 -23.05 15.48
C HIS A 319 -17.27 -21.63 15.71
N GLN A 320 -16.75 -21.34 16.90
CA GLN A 320 -15.94 -20.13 17.06
C GLN A 320 -15.48 -19.59 15.69
N ILE A 321 -15.90 -18.39 15.31
CA ILE A 321 -15.39 -17.70 14.13
C ILE A 321 -14.71 -16.41 14.55
N PHE A 322 -13.50 -16.16 14.06
CA PHE A 322 -12.72 -15.04 14.58
C PHE A 322 -12.71 -13.79 13.69
N LEU A 323 -13.22 -12.70 14.22
CA LEU A 323 -13.24 -11.46 13.47
C LEU A 323 -11.87 -10.76 13.61
N GLU A 324 -11.09 -10.88 12.53
CA GLU A 324 -9.71 -10.41 12.47
C GLU A 324 -9.65 -9.09 11.68
N PRO A 325 -9.12 -8.00 12.30
CA PRO A 325 -8.83 -6.66 11.75
C PRO A 325 -7.92 -6.78 10.57
N GLU A 326 -8.34 -6.28 9.43
CA GLU A 326 -7.59 -6.40 8.19
C GLU A 326 -6.42 -5.44 8.16
N GLY A 327 -6.42 -4.49 9.08
CA GLY A 327 -5.37 -3.50 9.11
C GLY A 327 -5.68 -2.50 10.19
N LEU A 328 -4.78 -1.58 10.44
CA LEU A 328 -5.02 -0.62 11.50
C LEU A 328 -5.76 0.57 10.94
N THR A 329 -5.71 0.68 9.60
CA THR A 329 -6.27 1.78 8.85
C THR A 329 -7.18 1.20 7.77
N SER A 330 -7.73 0.02 8.04
CA SER A 330 -8.77 -0.51 7.15
C SER A 330 -10.03 -0.85 7.86
N ASN A 331 -11.10 -0.80 7.12
CA ASN A 331 -12.39 -1.11 7.70
C ASN A 331 -12.86 -2.53 7.40
N GLU A 332 -12.09 -3.24 6.58
CA GLU A 332 -12.39 -4.64 6.34
C GLU A 332 -12.04 -5.53 7.52
N ILE A 333 -12.97 -6.43 7.82
CA ILE A 333 -12.76 -7.48 8.79
C ILE A 333 -12.68 -8.81 8.05
N TYR A 334 -11.68 -9.62 8.43
CA TYR A 334 -11.50 -11.03 8.05
C TYR A 334 -12.19 -11.96 9.01
N PRO A 335 -13.29 -12.60 8.55
CA PRO A 335 -14.05 -13.45 9.40
C PRO A 335 -13.34 -14.76 9.22
N ASN A 336 -12.54 -15.12 10.22
CA ASN A 336 -11.58 -16.18 10.02
C ASN A 336 -12.15 -17.52 10.41
N GLY A 337 -12.45 -18.31 9.39
CA GLY A 337 -13.11 -19.60 9.58
C GLY A 337 -14.26 -19.88 8.65
N ILE A 338 -14.87 -18.85 8.07
CA ILE A 338 -15.94 -19.05 7.10
C ILE A 338 -15.51 -18.83 5.65
N SER A 339 -14.48 -19.52 5.18
CA SER A 339 -14.02 -19.36 3.81
C SER A 339 -15.04 -20.07 2.92
N THR A 340 -15.00 -19.93 1.59
CA THR A 340 -16.00 -20.66 0.79
C THR A 340 -15.74 -20.72 -0.67
N SER A 341 -16.63 -21.41 -1.39
CA SER A 341 -16.74 -21.24 -2.83
C SER A 341 -18.25 -21.19 -3.13
N LEU A 342 -19.01 -21.44 -2.06
CA LEU A 342 -20.45 -21.24 -2.07
C LEU A 342 -20.71 -19.86 -2.65
N PRO A 343 -21.81 -19.72 -3.40
CA PRO A 343 -22.24 -18.48 -4.04
C PRO A 343 -22.58 -17.29 -3.13
N PHE A 344 -22.50 -16.09 -3.70
CA PHE A 344 -22.51 -14.84 -2.91
C PHE A 344 -23.65 -14.77 -1.86
N ASP A 345 -24.83 -15.28 -2.20
CA ASP A 345 -26.00 -15.01 -1.36
C ASP A 345 -25.95 -15.97 -0.21
N VAL A 346 -25.61 -17.18 -0.61
CA VAL A 346 -25.22 -18.18 0.35
C VAL A 346 -24.31 -17.50 1.37
N GLN A 347 -23.21 -16.92 0.87
CA GLN A 347 -22.20 -16.34 1.74
C GLN A 347 -22.87 -15.32 2.61
N MET A 348 -23.67 -14.49 1.97
CA MET A 348 -24.37 -13.42 2.69
C MET A 348 -25.25 -13.95 3.85
N GLN A 349 -25.90 -15.07 3.56
CA GLN A 349 -26.81 -15.73 4.47
C GLN A 349 -26.02 -16.36 5.61
N ILE A 350 -24.84 -16.87 5.27
CA ILE A 350 -23.92 -17.47 6.21
C ILE A 350 -23.42 -16.38 7.12
N VAL A 351 -23.22 -15.17 6.57
CA VAL A 351 -22.61 -14.12 7.39
C VAL A 351 -23.72 -13.69 8.29
N ARG A 352 -24.87 -13.45 7.69
CA ARG A 352 -25.92 -12.76 8.39
C ARG A 352 -26.63 -13.61 9.44
N SER A 353 -26.46 -14.92 9.33
CA SER A 353 -27.01 -15.83 10.30
C SER A 353 -26.26 -15.67 11.59
N MET A 354 -25.11 -15.05 11.54
CA MET A 354 -24.24 -15.13 12.70
C MET A 354 -24.42 -13.96 13.61
N GLN A 355 -24.21 -14.18 14.89
CA GLN A 355 -24.41 -13.13 15.88
C GLN A 355 -23.52 -11.94 15.61
N GLY A 356 -24.07 -10.75 15.64
CA GLY A 356 -23.26 -9.63 15.27
C GLY A 356 -23.43 -9.37 13.79
N MET A 357 -23.34 -10.36 12.93
CA MET A 357 -23.41 -9.94 11.54
C MET A 357 -24.81 -9.85 10.94
N GLU A 358 -25.87 -9.60 11.70
CA GLU A 358 -27.19 -9.75 11.09
C GLU A 358 -27.33 -8.73 9.98
N ASN A 359 -26.70 -7.57 10.17
CA ASN A 359 -26.75 -6.50 9.18
C ASN A 359 -25.52 -6.37 8.28
N ALA A 360 -24.50 -7.18 8.55
CA ALA A 360 -23.20 -6.99 7.95
C ALA A 360 -23.32 -6.94 6.48
N LYS A 361 -22.44 -6.20 5.87
CA LYS A 361 -22.50 -6.10 4.44
C LYS A 361 -21.12 -6.53 3.97
N ILE A 362 -21.05 -7.11 2.79
CA ILE A 362 -19.82 -7.76 2.40
C ILE A 362 -19.01 -6.90 1.43
N VAL A 363 -17.84 -6.46 1.87
CA VAL A 363 -16.95 -5.65 1.04
C VAL A 363 -16.30 -6.37 -0.17
N ARG A 364 -15.77 -7.57 0.08
CA ARG A 364 -15.12 -8.45 -0.90
C ARG A 364 -15.71 -9.86 -0.79
N PRO A 365 -15.91 -10.53 -1.92
CA PRO A 365 -16.76 -11.70 -1.80
C PRO A 365 -15.88 -12.89 -1.56
N GLY A 366 -16.21 -13.79 -0.62
CA GLY A 366 -15.49 -15.10 -0.54
C GLY A 366 -15.28 -15.88 -1.85
N TYR A 367 -14.27 -16.74 -1.91
CA TYR A 367 -14.01 -17.64 -3.09
C TYR A 367 -12.81 -18.53 -2.83
N ALA A 368 -12.41 -19.25 -3.88
CA ALA A 368 -11.41 -20.31 -3.77
C ALA A 368 -10.68 -20.39 -5.10
N ILE A 369 -9.39 -20.77 -5.07
CA ILE A 369 -8.62 -20.76 -6.29
C ILE A 369 -8.00 -22.10 -6.34
N GLU A 370 -7.80 -22.67 -7.52
CA GLU A 370 -7.02 -23.88 -7.68
C GLU A 370 -5.66 -23.51 -8.25
N TYR A 371 -4.58 -23.98 -7.61
CA TYR A 371 -3.21 -23.84 -8.11
C TYR A 371 -2.65 -25.14 -8.70
N ASP A 372 -2.06 -25.07 -9.88
CA ASP A 372 -1.15 -26.14 -10.26
C ASP A 372 0.07 -26.08 -9.32
N PHE A 373 0.88 -27.13 -9.23
CA PHE A 373 2.06 -27.06 -8.38
C PHE A 373 2.82 -28.35 -8.39
N PHE A 374 4.12 -28.30 -8.67
CA PHE A 374 4.93 -29.51 -8.84
C PHE A 374 5.28 -30.24 -7.57
N ASP A 375 5.42 -31.54 -7.71
CA ASP A 375 5.66 -32.38 -6.58
C ASP A 375 7.10 -32.23 -6.20
N PRO A 376 7.35 -31.79 -4.97
CA PRO A 376 8.67 -31.55 -4.44
C PRO A 376 9.53 -32.81 -4.33
N ARG A 377 9.03 -34.00 -4.63
CA ARG A 377 9.95 -35.12 -4.57
C ARG A 377 10.95 -35.15 -5.74
N ASP A 378 10.97 -34.10 -6.53
CA ASP A 378 11.95 -34.01 -7.60
C ASP A 378 12.93 -32.88 -7.29
N LEU A 379 13.20 -32.78 -5.99
CA LEU A 379 14.17 -31.86 -5.41
C LEU A 379 15.12 -32.67 -4.55
N LYS A 380 16.39 -32.32 -4.61
CA LYS A 380 17.37 -32.83 -3.66
C LYS A 380 17.00 -32.20 -2.31
N PRO A 381 17.45 -32.82 -1.22
CA PRO A 381 17.07 -32.33 0.08
C PRO A 381 17.58 -30.93 0.29
N THR A 382 18.16 -30.34 -0.74
CA THR A 382 18.63 -28.97 -0.66
C THR A 382 17.70 -28.01 -1.36
N LEU A 383 16.66 -28.58 -2.00
CA LEU A 383 15.68 -27.94 -2.91
C LEU A 383 16.31 -27.66 -4.24
N GLU A 384 17.50 -28.16 -4.45
CA GLU A 384 17.95 -28.12 -5.82
C GLU A 384 17.12 -29.13 -6.62
N SER A 385 16.64 -28.75 -7.78
CA SER A 385 15.89 -29.70 -8.57
C SER A 385 16.76 -30.81 -9.13
N LYS A 386 16.21 -32.02 -9.20
CA LYS A 386 16.93 -33.14 -9.79
C LYS A 386 16.90 -33.19 -11.31
N PHE A 387 16.32 -32.21 -11.99
CA PHE A 387 16.32 -32.27 -13.45
C PHE A 387 17.11 -31.16 -14.12
N ILE A 388 17.08 -29.96 -13.58
CA ILE A 388 17.91 -28.90 -14.12
C ILE A 388 18.77 -28.42 -12.99
N GLN A 389 20.10 -28.43 -13.10
CA GLN A 389 20.85 -28.06 -11.89
C GLN A 389 21.02 -26.57 -11.71
N GLY A 390 21.15 -26.16 -10.44
CA GLY A 390 21.22 -24.76 -10.07
C GLY A 390 19.85 -24.10 -10.14
N LEU A 391 18.80 -24.92 -10.19
CA LEU A 391 17.41 -24.46 -10.15
C LEU A 391 16.86 -24.86 -8.80
N PHE A 392 16.28 -23.95 -8.06
CA PHE A 392 15.78 -24.30 -6.74
C PHE A 392 14.30 -24.00 -6.55
N PHE A 393 13.58 -24.86 -5.86
CA PHE A 393 12.15 -24.64 -5.81
C PHE A 393 11.74 -24.35 -4.40
N ALA A 394 11.17 -23.19 -4.14
CA ALA A 394 10.78 -22.91 -2.78
C ALA A 394 9.36 -22.46 -2.62
N GLY A 395 8.82 -22.81 -1.46
CA GLY A 395 7.52 -22.39 -1.01
C GLY A 395 6.34 -23.10 -1.66
N GLN A 396 5.48 -22.31 -2.34
CA GLN A 396 4.23 -22.85 -2.83
C GLN A 396 4.39 -23.56 -4.15
N ILE A 397 5.46 -23.28 -4.87
CA ILE A 397 5.52 -23.97 -6.10
C ILE A 397 5.75 -25.41 -5.69
N ASN A 398 6.09 -25.64 -4.42
CA ASN A 398 6.24 -27.02 -3.97
C ASN A 398 4.98 -27.62 -3.36
N GLY A 399 3.93 -26.82 -3.27
CA GLY A 399 2.68 -27.34 -2.73
C GLY A 399 2.38 -26.94 -1.30
N THR A 400 3.39 -26.56 -0.51
CA THR A 400 3.06 -26.02 0.79
C THR A 400 2.27 -24.76 0.53
N THR A 401 1.49 -24.36 1.54
CA THR A 401 0.74 -23.13 1.39
C THR A 401 0.59 -22.40 2.69
N GLY A 402 1.36 -22.76 3.71
CA GLY A 402 1.54 -21.80 4.79
C GLY A 402 2.43 -20.67 4.28
N TYR A 403 2.50 -19.54 5.01
CA TYR A 403 3.50 -18.51 4.70
C TYR A 403 4.82 -18.94 5.31
N GLU A 404 4.84 -18.91 6.65
CA GLU A 404 5.92 -19.48 7.43
C GLU A 404 6.59 -20.57 6.61
N GLU A 405 5.83 -21.59 6.26
CA GLU A 405 6.40 -22.72 5.54
C GLU A 405 7.15 -22.32 4.27
N ALA A 406 6.74 -21.23 3.64
CA ALA A 406 7.44 -20.81 2.42
C ALA A 406 8.59 -19.90 2.84
N ALA A 407 8.28 -18.95 3.72
CA ALA A 407 9.35 -18.21 4.37
C ALA A 407 10.56 -19.14 4.68
N ALA A 408 10.37 -20.21 5.46
CA ALA A 408 11.49 -21.14 5.72
C ALA A 408 12.08 -21.72 4.42
N GLN A 409 11.26 -22.27 3.55
CA GLN A 409 11.80 -22.87 2.36
C GLN A 409 12.66 -21.92 1.57
N GLY A 410 12.27 -20.65 1.52
CA GLY A 410 12.96 -19.68 0.67
C GLY A 410 14.37 -19.48 1.17
N LEU A 411 14.42 -19.18 2.47
CA LEU A 411 15.67 -18.97 3.18
C LEU A 411 16.68 -19.98 2.71
N LEU A 412 16.32 -21.26 2.83
CA LEU A 412 17.27 -22.31 2.51
C LEU A 412 17.45 -22.40 1.01
N ALA A 413 16.41 -22.13 0.26
CA ALA A 413 16.60 -22.24 -1.16
C ALA A 413 17.57 -21.15 -1.58
N GLY A 414 17.40 -19.98 -0.99
CA GLY A 414 18.23 -18.86 -1.35
C GLY A 414 19.66 -19.21 -1.02
N LEU A 415 19.84 -19.61 0.25
CA LEU A 415 21.10 -20.14 0.79
C LEU A 415 21.76 -21.04 -0.24
N ASN A 416 21.19 -22.20 -0.47
CA ASN A 416 21.93 -23.20 -1.22
C ASN A 416 22.07 -22.78 -2.63
N ALA A 417 21.19 -21.89 -3.06
CA ALA A 417 21.33 -21.28 -4.37
C ALA A 417 22.63 -20.49 -4.39
N ALA A 418 22.74 -19.51 -3.49
CA ALA A 418 23.93 -18.68 -3.38
C ALA A 418 25.21 -19.52 -3.34
N ARG A 419 25.31 -20.34 -2.28
CA ARG A 419 26.37 -21.32 -2.12
C ARG A 419 26.81 -21.92 -3.42
N LEU A 420 25.91 -22.60 -4.11
CA LEU A 420 26.19 -23.00 -5.48
C LEU A 420 26.76 -21.86 -6.32
N SER A 421 26.25 -20.66 -6.15
CA SER A 421 26.80 -19.58 -6.95
C SER A 421 28.32 -19.53 -6.84
N ASP A 422 28.85 -19.58 -5.58
CA ASP A 422 30.28 -19.61 -5.19
C ASP A 422 30.83 -21.04 -4.99
N ASP A 423 30.41 -21.97 -5.86
CA ASP A 423 30.54 -23.45 -5.70
C ASP A 423 30.73 -23.96 -4.30
N LYS A 424 29.65 -24.10 -3.55
CA LYS A 424 29.70 -24.86 -2.33
C LYS A 424 28.67 -25.97 -2.34
N GLU A 425 28.31 -26.50 -1.19
CA GLU A 425 27.46 -27.66 -1.23
C GLU A 425 26.25 -27.26 -0.46
N GLY A 426 25.07 -27.43 -1.03
CA GLY A 426 23.85 -27.06 -0.34
C GLY A 426 23.89 -27.61 1.07
N TRP A 427 23.53 -26.79 2.03
CA TRP A 427 23.32 -27.25 3.36
C TRP A 427 22.06 -28.02 3.20
N ALA A 428 21.87 -29.13 3.89
CA ALA A 428 20.54 -29.75 3.93
C ALA A 428 20.26 -30.13 5.36
N PRO A 429 19.57 -29.24 6.06
CA PRO A 429 19.40 -29.12 7.50
C PRO A 429 18.92 -30.35 8.21
N ALA A 430 19.62 -30.73 9.26
CA ALA A 430 19.24 -31.83 10.15
C ALA A 430 17.81 -31.82 10.68
N ARG A 431 17.04 -32.88 10.41
CA ARG A 431 15.67 -33.06 10.94
C ARG A 431 15.69 -32.93 12.44
N SER A 432 16.85 -33.11 13.03
CA SER A 432 16.86 -33.05 14.45
C SER A 432 17.31 -31.69 14.88
N GLN A 433 17.90 -30.93 13.94
CA GLN A 433 18.35 -29.55 14.15
C GLN A 433 17.17 -28.59 14.31
N ALA A 434 16.26 -28.59 13.34
CA ALA A 434 15.23 -27.56 13.31
C ALA A 434 13.99 -28.02 12.54
N TYR A 435 12.83 -27.60 13.00
CA TYR A 435 11.70 -27.91 12.20
C TYR A 435 12.00 -27.61 10.76
N LEU A 436 12.72 -26.52 10.47
CA LEU A 436 13.13 -26.22 9.07
C LEU A 436 13.65 -27.50 8.43
N GLY A 437 14.35 -28.25 9.28
CA GLY A 437 14.97 -29.52 8.93
C GLY A 437 13.95 -30.57 8.57
N VAL A 438 13.01 -30.78 9.51
CA VAL A 438 11.85 -31.63 9.32
C VAL A 438 11.14 -31.29 8.03
N LEU A 439 10.45 -30.16 8.03
CA LEU A 439 9.75 -29.72 6.82
C LEU A 439 10.46 -30.13 5.54
N VAL A 440 11.67 -29.61 5.31
CA VAL A 440 12.28 -29.85 4.02
C VAL A 440 12.52 -31.34 3.73
N ASP A 441 12.87 -32.10 4.77
CA ASP A 441 13.05 -33.53 4.64
C ASP A 441 11.78 -34.09 3.98
N ASP A 442 10.64 -33.91 4.66
CA ASP A 442 9.35 -34.36 4.17
C ASP A 442 8.94 -34.02 2.75
N LEU A 443 9.25 -32.83 2.26
CA LEU A 443 8.84 -32.54 0.90
C LEU A 443 9.70 -33.35 -0.08
N CYS A 444 10.62 -34.16 0.44
CA CYS A 444 11.49 -34.93 -0.44
C CYS A 444 11.36 -36.39 -0.23
N THR A 445 11.16 -36.75 1.02
CA THR A 445 10.87 -38.08 1.40
C THR A 445 9.49 -38.33 0.81
N LEU A 446 8.53 -37.57 1.30
CA LEU A 446 7.15 -37.93 1.14
C LEU A 446 6.50 -37.19 0.04
N GLY A 447 6.98 -35.99 -0.21
CA GLY A 447 6.27 -35.12 -1.12
C GLY A 447 5.25 -34.33 -0.36
N THR A 448 5.31 -34.41 0.96
CA THR A 448 4.40 -33.55 1.66
C THR A 448 4.62 -33.12 3.10
N LYS A 449 4.30 -31.88 3.33
CA LYS A 449 4.37 -31.35 4.67
C LYS A 449 3.72 -32.32 5.69
N GLU A 450 4.31 -32.43 6.87
CA GLU A 450 3.64 -33.09 7.96
C GLU A 450 2.49 -32.18 8.38
N PRO A 451 1.35 -32.77 8.76
CA PRO A 451 0.14 -32.17 9.30
C PRO A 451 0.32 -31.42 10.63
N TYR A 452 -0.54 -30.45 10.93
CA TYR A 452 -0.37 -29.78 12.20
C TYR A 452 -1.08 -30.63 13.24
N ARG A 453 -2.10 -31.37 12.79
CA ARG A 453 -2.87 -32.29 13.63
C ARG A 453 -1.87 -32.97 14.53
N MET A 454 -0.87 -33.57 13.87
CA MET A 454 0.23 -34.33 14.47
C MET A 454 1.06 -33.49 15.44
N PHE A 455 1.30 -32.25 15.08
CA PHE A 455 2.34 -31.50 15.79
C PHE A 455 2.39 -31.64 17.30
N THR A 456 1.28 -31.75 18.00
CA THR A 456 1.41 -31.78 19.47
C THR A 456 1.93 -33.07 20.05
N SER A 457 1.77 -34.20 19.36
CA SER A 457 2.28 -35.49 19.84
C SER A 457 3.75 -35.53 19.57
N ARG A 458 4.07 -35.52 18.28
CA ARG A 458 5.46 -35.54 17.85
C ARG A 458 6.25 -34.54 18.69
N ALA A 459 5.76 -33.31 18.74
CA ALA A 459 6.07 -32.38 19.82
C ALA A 459 7.12 -32.88 20.80
N GLU A 460 6.84 -34.03 21.41
CA GLU A 460 7.67 -34.40 22.53
C GLU A 460 8.53 -35.66 22.24
N TYR A 461 8.58 -36.00 20.96
CA TYR A 461 9.70 -36.78 20.44
C TYR A 461 10.77 -35.78 20.03
N ARG A 462 10.49 -34.95 19.03
CA ARG A 462 11.29 -33.75 18.85
C ARG A 462 11.13 -33.17 20.23
N LEU A 463 11.79 -32.07 20.55
CA LEU A 463 11.60 -31.55 21.90
C LEU A 463 12.67 -30.54 22.25
N MET A 464 13.86 -30.74 21.71
CA MET A 464 14.84 -29.71 21.90
C MET A 464 14.41 -28.63 20.91
N LEU A 465 13.66 -29.06 19.91
CA LEU A 465 13.14 -28.11 18.94
C LEU A 465 12.09 -27.30 19.59
N ARG A 466 12.46 -26.19 20.21
CA ARG A 466 11.46 -25.30 20.75
C ARG A 466 11.57 -24.00 20.02
N GLU A 467 10.62 -23.11 20.26
CA GLU A 467 10.72 -21.72 19.77
C GLU A 467 11.79 -21.03 20.61
N ASP A 468 11.69 -21.13 21.93
CA ASP A 468 12.55 -20.35 22.81
C ASP A 468 14.02 -20.62 22.58
N ASN A 469 14.34 -21.47 21.62
CA ASN A 469 15.76 -21.71 21.53
C ASN A 469 16.35 -21.90 20.15
N ALA A 470 15.64 -21.46 19.13
CA ALA A 470 16.14 -21.57 17.77
C ALA A 470 17.49 -20.89 17.56
N ASP A 471 17.78 -19.82 18.31
CA ASP A 471 19.03 -19.10 18.12
C ASP A 471 20.17 -20.01 18.45
N LEU A 472 20.09 -20.44 19.73
CA LEU A 472 20.84 -21.53 20.39
C LEU A 472 21.07 -22.71 19.48
N ARG A 473 20.00 -23.16 18.85
CA ARG A 473 20.08 -24.23 17.89
C ARG A 473 20.76 -23.80 16.56
N LEU A 474 20.74 -22.51 16.21
CA LEU A 474 20.91 -22.23 14.76
C LEU A 474 21.75 -21.05 14.23
N THR A 475 21.49 -19.88 14.81
CA THR A 475 22.31 -18.66 14.66
C THR A 475 23.81 -18.93 14.41
N GLU A 476 24.37 -19.85 15.21
CA GLU A 476 25.76 -20.29 15.16
C GLU A 476 26.12 -20.94 13.84
N ILE A 477 25.26 -21.83 13.38
CA ILE A 477 25.49 -22.52 12.11
C ILE A 477 25.23 -21.46 11.07
N GLY A 478 24.61 -20.39 11.56
CA GLY A 478 24.21 -19.28 10.72
C GLY A 478 25.50 -18.60 10.36
N ARG A 479 26.22 -18.27 11.43
CA ARG A 479 27.38 -17.43 11.36
C ARG A 479 28.24 -18.04 10.26
N GLU A 480 28.41 -19.34 10.27
CA GLU A 480 29.43 -19.85 9.41
C GLU A 480 28.90 -19.96 8.00
N LEU A 481 27.58 -19.93 7.87
CA LEU A 481 26.98 -20.15 6.56
C LEU A 481 26.95 -18.87 5.75
N GLY A 482 27.06 -17.78 6.49
CA GLY A 482 27.03 -16.44 5.96
C GLY A 482 25.71 -15.76 6.29
N LEU A 483 24.83 -16.44 7.01
CA LEU A 483 23.50 -15.87 7.11
C LEU A 483 23.34 -14.87 8.21
N VAL A 484 24.26 -14.82 9.16
CA VAL A 484 24.03 -13.94 10.28
C VAL A 484 24.74 -12.59 10.21
N ASP A 485 24.17 -11.62 10.89
CA ASP A 485 24.71 -10.28 10.82
C ASP A 485 25.38 -9.87 12.14
N ASP A 486 26.41 -9.03 12.00
CA ASP A 486 27.21 -8.55 13.13
C ASP A 486 26.24 -8.08 14.17
N GLU A 487 25.28 -7.30 13.74
CA GLU A 487 24.39 -6.71 14.70
C GLU A 487 23.86 -7.84 15.57
N ARG A 488 23.79 -9.04 15.03
CA ARG A 488 23.08 -10.13 15.71
C ARG A 488 24.05 -11.02 16.40
N TRP A 489 25.04 -11.46 15.61
CA TRP A 489 26.15 -12.32 16.10
C TRP A 489 26.47 -11.85 17.50
N ALA A 490 27.00 -10.63 17.53
CA ALA A 490 27.10 -9.79 18.72
C ALA A 490 26.12 -10.09 19.83
N ARG A 491 24.84 -9.90 19.57
CA ARG A 491 23.86 -10.04 20.66
C ARG A 491 23.81 -11.47 21.11
N PHE A 492 23.86 -12.33 20.11
CA PHE A 492 23.65 -13.72 20.30
C PHE A 492 24.56 -14.29 21.37
N ASN A 493 25.86 -14.07 21.15
CA ASN A 493 26.97 -14.44 22.02
C ASN A 493 26.90 -13.76 23.38
N GLU A 494 26.50 -12.51 23.41
CA GLU A 494 26.22 -11.89 24.69
C GLU A 494 25.21 -12.71 25.46
N LYS A 495 24.13 -13.12 24.79
CA LYS A 495 23.11 -13.92 25.45
C LYS A 495 23.77 -15.24 25.82
N LEU A 496 24.44 -15.83 24.84
CA LEU A 496 25.12 -17.09 25.03
C LEU A 496 26.00 -17.13 26.30
N GLU A 497 27.05 -16.29 26.39
CA GLU A 497 27.83 -16.29 27.63
C GLU A 497 26.89 -15.90 28.73
N ASN A 498 26.13 -14.85 28.53
CA ASN A 498 25.19 -14.54 29.56
C ASN A 498 24.50 -15.72 30.24
N ILE A 499 24.16 -16.78 29.51
CA ILE A 499 23.38 -17.81 30.17
C ILE A 499 24.31 -18.70 30.91
N GLU A 500 25.42 -19.04 30.25
CA GLU A 500 26.48 -19.84 30.85
C GLU A 500 26.80 -19.31 32.21
N ARG A 501 27.69 -18.32 32.24
CA ARG A 501 27.87 -17.51 33.44
C ARG A 501 26.70 -17.69 34.44
N GLU A 502 25.45 -17.62 33.99
CA GLU A 502 24.35 -17.68 34.93
C GLU A 502 23.99 -19.07 35.42
N ARG A 503 24.26 -20.10 34.63
CA ARG A 503 24.05 -21.48 35.08
C ARG A 503 25.09 -21.89 36.14
N GLN A 504 26.36 -21.77 35.78
CA GLN A 504 27.48 -21.91 36.72
C GLN A 504 27.07 -21.38 38.07
N ARG A 505 26.90 -20.07 38.16
CA ARG A 505 26.54 -19.44 39.41
C ARG A 505 25.23 -19.97 40.04
N LEU A 506 24.49 -20.82 39.33
CA LEU A 506 23.32 -21.39 39.99
C LEU A 506 23.64 -22.73 40.62
N LYS A 507 24.89 -23.14 40.49
CA LYS A 507 25.47 -24.18 41.36
C LYS A 507 26.46 -23.54 42.35
N SER A 508 27.35 -22.69 41.84
CA SER A 508 28.24 -21.87 42.67
C SER A 508 27.50 -21.10 43.78
N THR A 509 26.31 -21.57 44.16
CA THR A 509 25.44 -20.91 45.16
C THR A 509 24.38 -21.84 45.77
N TRP A 510 24.56 -22.21 47.04
CA TRP A 510 23.63 -23.08 47.79
C TRP A 510 23.14 -22.49 49.13
N VAL A 511 22.14 -23.11 49.74
CA VAL A 511 21.76 -22.76 51.10
C VAL A 511 21.88 -23.93 52.08
N THR A 512 22.75 -23.75 53.08
CA THR A 512 22.88 -24.67 54.23
C THR A 512 21.79 -24.27 55.25
N PRO A 513 20.86 -25.20 55.60
CA PRO A 513 19.54 -24.97 56.24
C PRO A 513 19.50 -24.06 57.50
N SER A 514 20.61 -23.44 57.85
CA SER A 514 20.58 -22.46 58.88
C SER A 514 21.30 -21.23 58.37
N ALA A 515 22.11 -20.62 59.23
CA ALA A 515 22.91 -19.48 58.83
C ALA A 515 22.08 -18.43 58.09
N GLU A 516 22.71 -17.30 57.81
CA GLU A 516 22.08 -16.18 57.10
C GLU A 516 20.55 -16.26 57.06
N ALA A 517 20.01 -16.30 55.83
CA ALA A 517 18.56 -16.24 55.61
C ALA A 517 17.94 -17.58 55.22
N ALA A 518 18.33 -18.64 55.93
CA ALA A 518 17.65 -19.92 55.84
C ALA A 518 16.25 -19.65 56.36
N ALA A 519 16.05 -18.40 56.76
CA ALA A 519 14.76 -17.88 57.21
C ALA A 519 13.92 -17.49 56.00
N GLU A 520 14.15 -16.27 55.53
CA GLU A 520 13.59 -15.71 54.28
C GLU A 520 13.17 -16.76 53.22
N VAL A 521 14.07 -17.73 52.98
CA VAL A 521 13.93 -18.74 51.91
C VAL A 521 12.83 -19.78 52.17
N ASN A 522 12.90 -20.42 53.33
CA ASN A 522 12.17 -21.66 53.59
C ASN A 522 10.66 -21.44 53.75
N ALA A 523 10.27 -20.18 53.68
CA ALA A 523 8.86 -19.77 53.69
C ALA A 523 8.24 -19.78 52.29
N HIS A 524 9.04 -19.50 51.27
CA HIS A 524 8.56 -19.49 49.89
C HIS A 524 8.27 -20.90 49.36
N LEU A 525 9.03 -21.89 49.84
CA LEU A 525 8.88 -23.28 49.39
C LEU A 525 7.66 -23.98 49.98
N THR A 526 7.59 -25.29 49.73
CA THR A 526 6.59 -26.15 50.37
C THR A 526 7.23 -26.76 51.64
N ALA A 527 8.22 -27.63 51.48
CA ALA A 527 8.84 -28.34 52.60
C ALA A 527 10.35 -28.04 52.72
N PRO A 528 10.70 -27.00 53.50
CA PRO A 528 12.05 -26.53 53.85
C PRO A 528 13.21 -27.54 53.76
N LEU A 529 14.38 -27.02 53.34
CA LEU A 529 15.57 -27.83 53.01
C LEU A 529 16.16 -28.65 54.16
N SER A 530 16.17 -29.97 53.99
CA SER A 530 16.82 -30.88 54.95
C SER A 530 18.30 -30.53 55.12
N ARG A 531 19.07 -30.54 54.02
CA ARG A 531 20.48 -30.09 54.02
C ARG A 531 20.74 -29.10 52.87
N GLU A 532 21.83 -29.32 52.13
CA GLU A 532 22.22 -28.44 51.04
C GLU A 532 21.28 -28.59 49.85
N ALA A 533 20.97 -27.46 49.23
CA ALA A 533 20.32 -27.39 47.93
C ALA A 533 20.80 -26.11 47.26
N SER A 534 21.17 -26.20 45.98
CA SER A 534 21.69 -25.04 45.26
C SER A 534 20.57 -24.25 44.62
N GLY A 535 20.89 -23.02 44.22
CA GLY A 535 19.95 -22.20 43.46
C GLY A 535 19.22 -23.09 42.47
N GLU A 536 19.97 -23.60 41.50
CA GLU A 536 19.40 -24.41 40.43
C GLU A 536 18.57 -25.58 40.92
N ASP A 537 18.79 -26.03 42.14
CA ASP A 537 18.01 -27.12 42.69
C ASP A 537 16.65 -26.60 43.06
N LEU A 538 16.65 -25.45 43.72
CA LEU A 538 15.44 -24.77 44.19
C LEU A 538 14.53 -24.27 43.07
N LEU A 539 15.08 -24.18 41.87
CA LEU A 539 14.34 -23.66 40.72
C LEU A 539 13.62 -24.78 39.98
N ARG A 540 14.28 -25.94 39.88
CA ARG A 540 13.64 -27.11 39.29
C ARG A 540 12.35 -27.40 40.04
N ARG A 541 12.26 -26.90 41.28
CA ARG A 541 11.07 -27.03 42.11
C ARG A 541 9.91 -26.24 41.53
N PRO A 542 8.84 -26.96 41.11
CA PRO A 542 7.66 -26.41 40.42
C PRO A 542 6.77 -25.55 41.32
N GLU A 543 7.33 -24.47 41.87
CA GLU A 543 6.64 -23.62 42.83
C GLU A 543 7.37 -22.30 42.88
N MET A 544 8.50 -22.26 42.16
CA MET A 544 9.53 -21.25 42.32
C MET A 544 9.93 -20.80 40.93
N THR A 545 9.92 -19.48 40.73
CA THR A 545 10.15 -18.89 39.42
C THR A 545 11.43 -18.05 39.46
N TYR A 546 12.31 -18.20 38.46
CA TYR A 546 13.60 -17.48 38.48
C TYR A 546 13.46 -16.11 39.11
N GLU A 547 12.44 -15.39 38.66
CA GLU A 547 12.16 -14.05 39.14
C GLU A 547 12.03 -14.02 40.67
N LYS A 548 11.27 -14.94 41.25
CA LYS A 548 11.18 -15.08 42.71
C LYS A 548 12.45 -15.68 43.35
N LEU A 549 13.21 -16.49 42.60
CA LEU A 549 14.42 -17.05 43.16
C LEU A 549 15.48 -16.00 43.34
N THR A 550 15.52 -14.99 42.48
CA THR A 550 16.49 -13.91 42.68
C THR A 550 15.94 -12.69 43.43
N THR A 551 14.83 -12.88 44.15
CA THR A 551 14.43 -11.92 45.15
C THR A 551 14.77 -12.53 46.53
N LEU A 552 15.88 -13.26 46.56
CA LEU A 552 16.42 -13.87 47.76
C LEU A 552 17.93 -13.58 47.88
N THR A 553 18.35 -13.19 49.09
CA THR A 553 19.72 -12.67 49.32
C THR A 553 20.85 -13.71 49.17
N PRO A 554 20.51 -15.01 49.25
CA PRO A 554 21.44 -16.07 48.87
C PRO A 554 21.70 -16.14 47.36
N PHE A 555 20.68 -15.79 46.55
CA PHE A 555 20.64 -16.12 45.12
C PHE A 555 20.55 -14.92 44.17
N ALA A 556 20.44 -13.70 44.71
CA ALA A 556 20.36 -12.50 43.87
C ALA A 556 21.72 -12.07 43.27
N PRO A 557 21.75 -11.01 42.44
CA PRO A 557 20.59 -10.25 41.97
C PRO A 557 20.16 -10.70 40.57
N ALA A 558 18.88 -10.48 40.25
CA ALA A 558 18.31 -10.82 38.95
C ALA A 558 19.26 -10.45 37.79
N LEU A 559 19.57 -11.45 36.98
CA LEU A 559 20.28 -11.24 35.71
C LEU A 559 19.50 -10.22 34.88
N THR A 560 20.18 -9.26 34.28
CA THR A 560 19.46 -8.25 33.50
C THR A 560 19.13 -8.64 32.06
N ASP A 561 19.96 -9.50 31.45
CA ASP A 561 19.69 -10.02 30.09
C ASP A 561 18.40 -10.86 30.08
N GLU A 562 17.29 -10.12 30.12
CA GLU A 562 15.90 -10.61 30.10
C GLU A 562 15.60 -11.87 29.32
N GLN A 563 16.26 -11.99 28.17
CA GLN A 563 16.17 -13.16 27.34
C GLN A 563 16.89 -14.30 28.06
N ALA A 564 18.22 -14.22 28.14
CA ALA A 564 19.01 -15.22 28.84
C ALA A 564 18.33 -15.70 30.12
N ALA A 565 17.70 -14.77 30.81
CA ALA A 565 17.07 -15.08 32.08
C ALA A 565 16.00 -16.13 31.89
N GLU A 566 15.12 -15.85 30.94
CA GLU A 566 13.96 -16.73 30.71
C GLU A 566 14.37 -18.11 30.19
N GLN A 567 15.39 -18.14 29.32
CA GLN A 567 16.05 -19.38 28.83
C GLN A 567 16.76 -20.15 29.96
N VAL A 568 17.56 -19.46 30.76
CA VAL A 568 18.06 -20.09 31.97
C VAL A 568 16.94 -20.87 32.64
N GLU A 569 15.86 -20.19 33.03
CA GLU A 569 14.70 -20.85 33.61
C GLU A 569 14.34 -22.12 32.84
N ILE A 570 13.90 -21.98 31.59
CA ILE A 570 13.50 -23.17 30.82
C ILE A 570 14.59 -24.24 30.89
N GLN A 571 15.79 -23.87 30.49
CA GLN A 571 16.86 -24.83 30.39
C GLN A 571 16.86 -25.72 31.64
N VAL A 572 16.67 -25.09 32.78
CA VAL A 572 16.75 -25.73 34.08
C VAL A 572 15.54 -26.58 34.38
N LYS A 573 14.35 -26.04 34.11
CA LYS A 573 13.10 -26.71 34.42
C LYS A 573 12.74 -27.79 33.43
N TYR A 574 13.40 -27.84 32.28
CA TYR A 574 13.13 -28.89 31.30
C TYR A 574 14.38 -29.57 30.68
N GLU A 575 15.53 -29.42 31.37
CA GLU A 575 16.78 -30.19 31.20
C GLU A 575 16.61 -31.72 30.99
N GLY A 576 15.76 -32.34 31.81
CA GLY A 576 15.33 -33.74 31.64
C GLY A 576 14.48 -34.26 32.80
N GLN B 25 -34.13 -11.77 -5.32
CA GLN B 25 -32.76 -11.93 -5.90
C GLN B 25 -32.82 -12.64 -7.25
N GLY B 26 -33.36 -11.94 -8.27
CA GLY B 26 -33.19 -12.39 -9.67
C GLY B 26 -31.72 -12.71 -9.96
N SER B 27 -30.98 -13.10 -8.90
CA SER B 27 -29.51 -12.97 -8.81
C SER B 27 -29.16 -11.47 -8.81
N PHE B 28 -29.39 -10.80 -7.67
CA PHE B 28 -29.72 -9.38 -7.80
C PHE B 28 -29.57 -8.76 -6.45
N TYR B 29 -28.37 -8.36 -6.10
CA TYR B 29 -28.23 -7.85 -4.77
C TYR B 29 -29.60 -7.43 -4.25
N PRO B 30 -29.95 -7.84 -3.04
CA PRO B 30 -31.25 -7.38 -2.55
C PRO B 30 -31.41 -5.87 -2.49
N ASP B 31 -30.36 -5.08 -2.39
CA ASP B 31 -30.66 -3.69 -2.18
C ASP B 31 -30.40 -2.78 -3.35
N PRO B 32 -31.20 -1.74 -3.42
CA PRO B 32 -31.21 -0.99 -4.64
C PRO B 32 -30.34 0.25 -4.50
N PHE B 33 -29.83 0.77 -5.59
CA PHE B 33 -28.95 1.87 -5.34
C PHE B 33 -29.33 3.17 -6.08
N ASP B 34 -29.06 4.32 -5.47
CA ASP B 34 -29.30 5.59 -6.16
C ASP B 34 -28.27 5.79 -7.25
N VAL B 35 -27.00 5.74 -6.85
CA VAL B 35 -25.91 5.90 -7.81
C VAL B 35 -24.97 4.75 -7.72
N ILE B 36 -24.59 4.23 -8.89
CA ILE B 36 -23.49 3.30 -9.01
C ILE B 36 -22.36 4.06 -9.68
N ILE B 37 -21.18 3.93 -9.08
CA ILE B 37 -19.92 4.42 -9.56
C ILE B 37 -19.09 3.25 -10.01
N ILE B 38 -18.81 3.18 -11.30
CA ILE B 38 -18.06 2.08 -11.81
C ILE B 38 -16.59 2.42 -12.01
N GLY B 39 -15.74 2.12 -11.03
CA GLY B 39 -14.31 2.32 -11.21
C GLY B 39 -13.75 3.17 -10.09
N GLY B 40 -12.64 2.72 -9.48
CA GLY B 40 -12.03 3.33 -8.31
C GLY B 40 -11.08 4.44 -8.71
N GLY B 41 -11.37 5.04 -9.88
CA GLY B 41 -10.63 6.17 -10.48
C GLY B 41 -10.48 7.40 -9.59
N HIS B 42 -9.81 8.43 -10.12
CA HIS B 42 -9.64 9.72 -9.43
C HIS B 42 -10.98 10.37 -9.53
N ALA B 43 -11.43 10.34 -10.78
CA ALA B 43 -12.80 10.65 -11.16
C ALA B 43 -13.78 9.85 -10.32
N GLY B 44 -13.65 8.53 -10.38
CA GLY B 44 -14.54 7.64 -9.62
C GLY B 44 -14.64 8.06 -8.17
N THR B 45 -13.48 8.21 -7.54
CA THR B 45 -13.39 8.55 -6.14
C THR B 45 -14.23 9.78 -5.84
N GLU B 46 -14.03 10.77 -6.70
CA GLU B 46 -14.55 12.09 -6.44
C GLU B 46 -16.06 12.07 -6.61
N ALA B 47 -16.49 11.19 -7.53
CA ALA B 47 -17.87 10.96 -7.95
C ALA B 47 -18.56 10.31 -6.78
N ALA B 48 -18.24 9.03 -6.62
CA ALA B 48 -18.61 8.24 -5.44
C ALA B 48 -18.69 9.06 -4.15
N MET B 49 -17.60 9.77 -3.85
CA MET B 49 -17.46 10.56 -2.64
C MET B 49 -18.56 11.61 -2.48
N ALA B 50 -19.06 12.08 -3.60
CA ALA B 50 -19.96 13.22 -3.61
C ALA B 50 -21.39 12.76 -3.45
N ALA B 51 -21.78 11.92 -4.39
CA ALA B 51 -23.10 11.31 -4.44
C ALA B 51 -23.45 10.78 -3.06
N ALA B 52 -22.46 10.16 -2.45
CA ALA B 52 -22.55 9.83 -1.04
C ALA B 52 -22.92 11.03 -0.16
N ARG B 53 -22.06 12.05 -0.16
CA ARG B 53 -22.21 13.16 0.78
C ARG B 53 -23.48 13.96 0.52
N MET B 54 -23.91 13.99 -0.74
CA MET B 54 -25.16 14.63 -1.08
C MET B 54 -26.33 14.00 -0.32
N GLY B 55 -26.21 12.72 0.03
CA GLY B 55 -27.28 12.06 0.77
C GLY B 55 -27.74 10.76 0.15
N GLN B 56 -27.41 10.55 -1.12
CA GLN B 56 -27.75 9.32 -1.84
C GLN B 56 -27.14 7.97 -1.38
N GLN B 57 -27.93 6.92 -1.53
CA GLN B 57 -27.37 5.59 -1.51
C GLN B 57 -26.51 5.35 -2.74
N THR B 58 -25.22 5.29 -2.49
CA THR B 58 -24.25 5.18 -3.52
C THR B 58 -23.36 4.01 -3.27
N LEU B 59 -23.06 3.29 -4.32
CA LEU B 59 -22.16 2.19 -4.21
C LEU B 59 -21.08 2.30 -5.27
N LEU B 60 -19.85 2.08 -4.82
CA LEU B 60 -18.68 2.20 -5.66
C LEU B 60 -18.19 0.82 -6.01
N LEU B 61 -18.17 0.45 -7.28
CA LEU B 61 -17.57 -0.86 -7.53
C LEU B 61 -16.26 -0.80 -8.29
N THR B 62 -15.18 -0.89 -7.52
CA THR B 62 -13.83 -1.00 -8.06
C THR B 62 -13.34 -2.43 -8.15
N HIS B 63 -12.59 -2.74 -9.17
CA HIS B 63 -12.12 -4.10 -9.21
C HIS B 63 -10.93 -4.35 -8.30
N ASN B 64 -10.54 -3.37 -7.48
CA ASN B 64 -9.37 -3.47 -6.59
C ASN B 64 -9.22 -2.51 -5.44
N ILE B 65 -10.04 -2.64 -4.41
CA ILE B 65 -9.92 -1.75 -3.27
C ILE B 65 -8.47 -1.47 -2.97
N ASP B 66 -7.57 -2.22 -3.57
CA ASP B 66 -6.23 -1.98 -3.11
C ASP B 66 -5.50 -0.92 -3.91
N THR B 67 -5.61 -0.99 -5.22
CA THR B 67 -5.16 0.15 -6.01
C THR B 67 -5.97 1.42 -5.74
N LEU B 68 -6.94 1.42 -4.83
CA LEU B 68 -7.69 2.65 -4.65
C LEU B 68 -6.76 3.78 -4.29
N GLY B 69 -6.65 4.77 -5.18
CA GLY B 69 -5.90 6.00 -4.91
C GLY B 69 -4.61 5.96 -5.69
N GLN B 70 -4.43 4.91 -6.46
CA GLN B 70 -3.20 4.81 -7.19
C GLN B 70 -2.96 6.06 -8.03
N MET B 71 -1.70 6.35 -8.37
CA MET B 71 -1.35 7.54 -9.17
C MET B 71 -0.65 7.12 -10.48
N SER B 72 -1.30 7.28 -11.62
CA SER B 72 -0.76 6.53 -12.75
C SER B 72 0.55 7.01 -13.26
N CYS B 73 0.85 8.30 -13.11
CA CYS B 73 2.00 8.94 -13.76
C CYS B 73 2.95 9.48 -12.75
N ASN B 74 3.37 10.73 -12.87
CA ASN B 74 4.22 11.19 -11.80
C ASN B 74 3.46 11.53 -10.53
N PRO B 75 4.14 11.39 -9.42
CA PRO B 75 3.63 11.28 -8.08
C PRO B 75 3.34 12.64 -7.53
N ALA B 76 2.67 13.44 -8.38
CA ALA B 76 2.47 14.91 -8.20
C ALA B 76 1.05 15.44 -8.43
N ILE B 77 0.54 16.24 -7.51
CA ILE B 77 -0.79 16.79 -7.69
C ILE B 77 -0.79 18.31 -7.83
N GLY B 78 -1.30 18.83 -8.94
CA GLY B 78 -1.41 20.26 -9.06
C GLY B 78 -0.45 20.91 -10.03
N GLY B 79 -0.25 22.21 -9.87
CA GLY B 79 0.40 23.03 -10.89
C GLY B 79 -0.62 23.80 -11.72
N ILE B 80 -0.14 24.37 -12.82
CA ILE B 80 -0.94 25.26 -13.66
C ILE B 80 -2.24 24.62 -14.22
N GLY B 81 -3.40 25.18 -13.87
CA GLY B 81 -4.67 24.56 -14.24
C GLY B 81 -5.08 23.51 -13.24
N LYS B 82 -4.33 22.41 -13.25
CA LYS B 82 -4.49 21.33 -12.32
C LYS B 82 -4.84 21.88 -10.96
N GLY B 83 -3.96 22.70 -10.41
CA GLY B 83 -4.22 23.24 -9.09
C GLY B 83 -5.57 23.97 -9.00
N HIS B 84 -5.84 24.73 -10.05
CA HIS B 84 -7.07 25.47 -10.14
C HIS B 84 -8.22 24.51 -9.95
N LEU B 85 -8.19 23.49 -10.79
CA LEU B 85 -9.13 22.35 -10.68
C LEU B 85 -9.28 21.87 -9.23
N VAL B 86 -8.16 21.54 -8.59
CA VAL B 86 -8.19 20.99 -7.24
C VAL B 86 -8.82 21.95 -6.27
N LYS B 87 -8.39 23.21 -6.34
CA LYS B 87 -8.91 24.24 -5.46
C LYS B 87 -10.43 24.27 -5.58
N GLU B 88 -10.88 24.23 -6.84
CA GLU B 88 -12.29 24.17 -7.22
C GLU B 88 -13.00 22.92 -6.67
N VAL B 89 -12.48 21.72 -7.03
CA VAL B 89 -12.93 20.43 -6.51
C VAL B 89 -13.08 20.49 -5.01
N ASP B 90 -12.14 21.21 -4.39
CA ASP B 90 -12.15 21.35 -2.94
C ASP B 90 -13.37 22.09 -2.45
N ALA B 91 -13.56 23.31 -2.95
CA ALA B 91 -14.64 24.18 -2.52
C ALA B 91 -15.94 23.42 -2.75
N LEU B 92 -15.94 22.62 -3.80
CA LEU B 92 -17.16 21.99 -4.16
C LEU B 92 -17.50 20.87 -3.17
N GLY B 93 -16.57 20.52 -2.29
CA GLY B 93 -16.87 19.52 -1.27
C GLY B 93 -15.84 18.43 -1.24
N GLY B 94 -15.17 18.26 -2.39
CA GLY B 94 -14.40 17.07 -2.82
C GLY B 94 -13.33 16.48 -1.91
N LEU B 95 -12.44 15.67 -2.48
CA LEU B 95 -11.45 14.98 -1.65
C LEU B 95 -10.02 15.37 -1.99
N MET B 96 -9.70 15.21 -3.26
CA MET B 96 -8.33 15.32 -3.74
C MET B 96 -7.46 16.40 -3.16
N ALA B 97 -8.04 17.38 -2.45
CA ALA B 97 -7.28 18.49 -1.86
C ALA B 97 -6.72 17.94 -0.58
N LYS B 98 -7.63 17.75 0.36
CA LYS B 98 -7.23 17.07 1.59
C LYS B 98 -6.22 16.01 1.21
N ALA B 99 -6.69 15.02 0.48
CA ALA B 99 -5.79 13.95 0.11
C ALA B 99 -4.36 14.48 0.09
N ILE B 100 -4.12 15.43 -0.80
CA ILE B 100 -2.75 15.76 -1.14
C ILE B 100 -2.30 16.70 -0.06
N ASP B 101 -3.25 17.32 0.62
CA ASP B 101 -2.85 17.93 1.88
C ASP B 101 -2.14 16.96 2.81
N GLN B 102 -2.61 15.71 2.91
CA GLN B 102 -2.02 14.77 3.83
C GLN B 102 -0.85 13.99 3.30
N ALA B 103 -0.40 14.23 2.09
CA ALA B 103 0.52 13.22 1.60
C ALA B 103 1.52 13.76 0.60
N GLY B 104 1.70 15.07 0.68
CA GLY B 104 2.62 15.76 -0.19
C GLY B 104 3.89 15.97 0.57
N ILE B 105 4.96 16.15 -0.14
CA ILE B 105 6.21 16.42 0.51
C ILE B 105 6.96 17.41 -0.35
N GLN B 106 6.71 18.68 -0.08
CA GLN B 106 7.22 19.74 -0.93
C GLN B 106 6.00 20.42 -1.51
N PHE B 107 5.90 21.73 -1.30
CA PHE B 107 4.71 22.42 -1.69
C PHE B 107 5.05 23.70 -2.43
N ARG B 108 5.88 23.65 -3.45
CA ARG B 108 6.10 24.85 -4.25
C ARG B 108 4.80 25.70 -4.47
N ILE B 109 4.91 26.92 -5.00
CA ILE B 109 3.75 27.63 -5.59
C ILE B 109 4.18 28.30 -6.89
N LEU B 110 3.92 27.63 -7.99
CA LEU B 110 4.34 28.15 -9.28
C LEU B 110 3.88 29.60 -9.58
N ASN B 111 4.67 30.33 -10.38
CA ASN B 111 4.33 31.67 -10.90
C ASN B 111 4.01 32.70 -9.79
N ALA B 112 4.86 32.77 -8.77
CA ALA B 112 4.45 33.25 -7.44
C ALA B 112 4.45 34.76 -7.41
N SER B 113 5.07 35.27 -8.48
CA SER B 113 5.61 36.60 -8.63
C SER B 113 4.98 37.05 -9.93
N LYS B 114 3.68 36.81 -10.05
CA LYS B 114 3.02 36.98 -11.32
C LYS B 114 1.54 37.21 -11.21
N GLY B 115 1.06 37.25 -9.97
CA GLY B 115 -0.20 37.92 -9.71
C GLY B 115 -1.35 37.06 -10.14
N PRO B 116 -2.32 36.95 -9.26
CA PRO B 116 -3.13 35.76 -8.97
C PRO B 116 -3.33 34.76 -10.14
N ALA B 117 -4.50 34.78 -10.74
CA ALA B 117 -4.74 34.16 -12.02
C ALA B 117 -3.74 33.16 -12.59
N VAL B 118 -2.46 33.20 -12.30
CA VAL B 118 -1.64 32.28 -13.03
C VAL B 118 -0.64 31.71 -12.02
N ARG B 119 -0.90 32.11 -10.77
CA ARG B 119 -0.37 31.51 -9.55
C ARG B 119 -1.09 30.19 -9.39
N ALA B 120 -0.34 29.15 -9.02
CA ALA B 120 -0.82 27.76 -8.98
C ALA B 120 -0.07 26.88 -8.01
N THR B 121 -0.72 26.37 -6.97
CA THR B 121 -0.04 25.44 -6.04
C THR B 121 0.30 24.08 -6.62
N ARG B 122 1.47 23.53 -6.28
CA ARG B 122 1.89 22.23 -6.87
C ARG B 122 2.70 21.25 -6.03
N ALA B 123 2.01 20.39 -5.28
CA ALA B 123 2.60 19.41 -4.34
C ALA B 123 3.12 18.08 -4.96
N GLN B 124 4.11 17.48 -4.29
CA GLN B 124 4.61 16.10 -4.48
C GLN B 124 3.98 15.18 -3.46
N ALA B 125 3.88 13.89 -3.77
CA ALA B 125 2.96 13.03 -3.03
C ALA B 125 3.65 11.76 -2.62
N ASP B 126 3.52 11.33 -1.35
CA ASP B 126 4.06 10.04 -0.95
C ASP B 126 2.97 9.11 -1.33
N ARG B 127 3.21 8.36 -2.40
CA ARG B 127 2.16 7.60 -2.99
C ARG B 127 1.41 6.86 -1.93
N VAL B 128 2.14 6.04 -1.18
CA VAL B 128 1.57 5.25 -0.11
C VAL B 128 0.68 6.13 0.74
N LEU B 129 1.24 7.24 1.17
CA LEU B 129 0.49 8.17 1.97
C LEU B 129 -0.85 8.69 1.37
N TYR B 130 -0.80 9.03 0.08
CA TYR B 130 -1.93 9.56 -0.67
C TYR B 130 -2.94 8.45 -0.66
N ARG B 131 -2.54 7.38 -1.33
CA ARG B 131 -3.29 6.16 -1.51
C ARG B 131 -4.02 5.90 -0.21
N GLN B 132 -3.26 5.87 0.86
CA GLN B 132 -3.88 5.60 2.16
C GLN B 132 -5.05 6.53 2.43
N ALA B 133 -4.98 7.75 1.92
CA ALA B 133 -5.93 8.72 2.42
C ALA B 133 -7.19 8.73 1.56
N VAL B 134 -7.01 8.50 0.26
CA VAL B 134 -8.14 8.27 -0.60
C VAL B 134 -8.90 7.15 0.09
N ARG B 135 -8.27 6.00 0.29
CA ARG B 135 -9.01 4.88 0.88
C ARG B 135 -9.60 5.21 2.27
N THR B 136 -8.78 5.32 3.30
CA THR B 136 -9.37 5.61 4.61
C THR B 136 -10.60 6.50 4.54
N ALA B 137 -10.68 7.39 3.55
CA ALA B 137 -11.82 8.31 3.48
C ALA B 137 -13.03 7.74 2.71
N LEU B 138 -12.72 7.15 1.55
CA LEU B 138 -13.64 6.40 0.73
C LEU B 138 -14.30 5.37 1.61
N GLU B 139 -13.49 4.67 2.36
CA GLU B 139 -14.02 3.68 3.26
C GLU B 139 -14.76 4.33 4.39
N ASN B 140 -14.61 5.61 4.60
CA ASN B 140 -15.20 5.99 5.86
C ASN B 140 -16.42 6.94 5.78
N GLN B 141 -17.13 6.81 4.67
CA GLN B 141 -17.97 7.85 4.13
C GLN B 141 -19.45 7.51 4.17
N PRO B 142 -20.21 8.06 5.12
CA PRO B 142 -21.61 7.60 5.19
C PRO B 142 -22.32 7.57 3.82
N ASN B 143 -23.14 6.56 3.58
CA ASN B 143 -23.83 6.41 2.30
C ASN B 143 -23.07 5.84 1.09
N LEU B 144 -21.75 5.70 1.22
CA LEU B 144 -20.97 5.08 0.18
C LEU B 144 -20.76 3.70 0.68
N MET B 145 -21.05 2.70 -0.16
CA MET B 145 -20.67 1.33 0.09
C MET B 145 -19.76 0.84 -1.06
N ILE B 146 -18.60 0.31 -0.67
CA ILE B 146 -17.55 -0.20 -1.58
C ILE B 146 -17.68 -1.68 -1.81
N PHE B 147 -17.25 -2.14 -2.99
CA PHE B 147 -17.46 -3.53 -3.38
C PHE B 147 -16.53 -3.99 -4.50
N GLN B 148 -15.62 -4.87 -4.17
CA GLN B 148 -14.60 -5.28 -5.13
C GLN B 148 -15.12 -6.10 -6.32
N GLN B 149 -15.18 -5.53 -7.51
CA GLN B 149 -15.69 -6.35 -8.61
C GLN B 149 -15.45 -5.72 -9.96
N ALA B 150 -15.16 -6.55 -10.95
CA ALA B 150 -15.12 -6.06 -12.31
C ALA B 150 -16.55 -5.80 -12.71
N VAL B 151 -16.77 -4.80 -13.56
CA VAL B 151 -18.11 -4.63 -14.12
C VAL B 151 -18.20 -5.29 -15.47
N GLU B 152 -19.21 -6.14 -15.60
CA GLU B 152 -19.36 -7.02 -16.73
C GLU B 152 -19.96 -6.28 -17.90
N ASP B 153 -20.99 -5.51 -17.58
CA ASP B 153 -21.77 -4.82 -18.53
C ASP B 153 -22.82 -4.16 -17.70
N LEU B 154 -23.48 -3.20 -18.34
CA LEU B 154 -24.50 -2.33 -17.75
C LEU B 154 -25.87 -2.98 -17.93
N ILE B 155 -26.87 -2.64 -17.12
CA ILE B 155 -28.24 -3.00 -17.54
C ILE B 155 -29.19 -1.85 -17.86
N VAL B 156 -29.45 -1.75 -19.17
CA VAL B 156 -30.01 -0.61 -19.92
C VAL B 156 -31.41 -0.87 -20.41
N GLU B 157 -32.42 -0.21 -19.86
CA GLU B 157 -33.81 -0.48 -20.26
C GLU B 157 -34.52 0.76 -20.79
N ASN B 158 -34.66 0.86 -22.11
CA ASN B 158 -35.30 2.01 -22.79
C ASN B 158 -34.30 3.11 -23.07
N ASP B 159 -33.07 2.71 -23.38
CA ASP B 159 -31.97 3.67 -23.36
C ASP B 159 -32.01 4.50 -22.06
N ARG B 160 -32.41 3.90 -20.95
CA ARG B 160 -31.99 4.36 -19.65
C ARG B 160 -31.17 3.22 -19.02
N VAL B 161 -30.23 3.58 -18.14
CA VAL B 161 -29.60 2.59 -17.28
C VAL B 161 -30.33 2.47 -15.96
N VAL B 162 -30.23 1.27 -15.41
CA VAL B 162 -30.84 0.92 -14.14
C VAL B 162 -29.87 0.05 -13.23
N GLY B 163 -28.74 -0.35 -13.78
CA GLY B 163 -27.65 -0.82 -12.95
C GLY B 163 -26.64 -1.53 -13.81
N ALA B 164 -25.74 -2.27 -13.16
CA ALA B 164 -25.03 -3.27 -13.91
C ALA B 164 -24.89 -4.63 -13.27
N VAL B 165 -24.15 -5.43 -14.02
CA VAL B 165 -23.89 -6.82 -13.73
C VAL B 165 -22.42 -6.87 -13.65
N THR B 166 -21.93 -7.34 -12.50
CA THR B 166 -20.52 -7.41 -12.13
C THR B 166 -20.09 -8.71 -12.75
N GLN B 167 -18.80 -8.91 -12.92
CA GLN B 167 -18.37 -10.04 -13.72
C GLN B 167 -18.44 -11.33 -12.94
N MET B 168 -18.49 -11.24 -11.62
CA MET B 168 -18.76 -12.44 -10.86
C MET B 168 -20.14 -12.97 -11.14
N GLY B 169 -20.99 -12.19 -11.81
CA GLY B 169 -22.39 -12.57 -11.97
C GLY B 169 -23.38 -11.59 -11.34
N LEU B 170 -23.21 -11.32 -10.05
CA LEU B 170 -24.10 -10.41 -9.28
C LEU B 170 -24.61 -9.23 -10.10
N LYS B 171 -25.87 -8.84 -9.86
CA LYS B 171 -26.44 -7.64 -10.48
C LYS B 171 -27.00 -6.65 -9.48
N PHE B 172 -26.67 -5.38 -9.72
CA PHE B 172 -27.06 -4.29 -8.83
C PHE B 172 -28.00 -3.30 -9.50
N ARG B 173 -29.06 -2.96 -8.77
CA ARG B 173 -30.11 -2.05 -9.22
C ARG B 173 -29.76 -0.66 -8.71
N ALA B 174 -29.65 0.27 -9.66
CA ALA B 174 -29.54 1.69 -9.32
C ALA B 174 -30.31 2.64 -10.26
N LYS B 175 -30.49 3.91 -9.86
CA LYS B 175 -31.19 4.90 -10.74
C LYS B 175 -30.32 5.76 -11.69
N ALA B 176 -29.16 6.21 -11.23
CA ALA B 176 -28.09 6.54 -12.16
C ALA B 176 -26.77 5.86 -11.88
N VAL B 177 -25.96 5.79 -12.93
CA VAL B 177 -24.73 5.06 -12.92
C VAL B 177 -23.67 5.88 -13.65
N VAL B 178 -22.56 6.21 -12.98
CA VAL B 178 -21.42 6.92 -13.57
C VAL B 178 -20.36 5.99 -14.10
N LEU B 179 -20.39 5.62 -15.38
CA LEU B 179 -19.27 4.87 -15.91
C LEU B 179 -18.06 5.68 -15.59
N THR B 180 -16.94 5.02 -15.32
CA THR B 180 -15.70 5.72 -14.98
C THR B 180 -14.57 5.16 -15.81
N VAL B 181 -14.06 4.01 -15.36
CA VAL B 181 -13.11 3.19 -16.08
C VAL B 181 -11.72 3.41 -15.57
N GLY B 182 -11.51 3.27 -14.26
CA GLY B 182 -10.26 3.75 -13.65
C GLY B 182 -9.27 2.71 -13.14
N THR B 183 -7.99 2.95 -13.39
CA THR B 183 -6.97 1.99 -12.99
C THR B 183 -7.45 0.61 -13.38
N PHE B 184 -7.03 0.09 -14.53
CA PHE B 184 -7.62 -1.17 -14.95
C PHE B 184 -7.06 -1.63 -16.27
N LEU B 185 -5.88 -1.20 -16.69
CA LEU B 185 -5.49 -1.66 -18.03
C LEU B 185 -6.88 -1.72 -18.74
N ASP B 186 -7.16 -2.60 -19.71
CA ASP B 186 -6.23 -3.15 -20.69
C ASP B 186 -5.48 -1.99 -21.31
N GLY B 187 -5.74 -1.76 -22.59
CA GLY B 187 -4.83 -0.97 -23.38
C GLY B 187 -3.58 -1.81 -23.52
N LYS B 188 -2.84 -1.55 -24.60
CA LYS B 188 -1.64 -2.33 -24.94
C LYS B 188 -0.40 -1.66 -24.39
N ILE B 189 0.54 -2.48 -23.90
CA ILE B 189 1.76 -1.97 -23.30
C ILE B 189 2.87 -1.98 -24.35
N HIS B 190 3.51 -0.82 -24.57
CA HIS B 190 4.45 -0.67 -25.67
C HIS B 190 5.88 -0.25 -25.23
N ILE B 191 6.76 -1.24 -25.11
CA ILE B 191 8.21 -1.04 -24.89
C ILE B 191 9.06 -1.68 -26.00
N GLY B 192 8.81 -1.28 -27.25
CA GLY B 192 9.44 -1.85 -28.45
C GLY B 192 8.41 -2.49 -29.36
N SER B 206 -15.33 -9.72 -25.56
CA SER B 206 -14.30 -9.31 -24.61
C SER B 206 -14.85 -8.15 -23.78
N ILE B 207 -15.61 -8.49 -22.74
CA ILE B 207 -16.37 -7.51 -21.97
C ILE B 207 -17.54 -6.99 -22.83
N PRO B 208 -18.76 -7.44 -22.53
CA PRO B 208 -19.98 -7.02 -23.21
C PRO B 208 -20.15 -5.52 -23.14
N LEU B 209 -19.76 -4.94 -22.00
CA LEU B 209 -19.86 -3.49 -21.78
C LEU B 209 -19.07 -2.69 -22.79
N SER B 210 -18.02 -3.28 -23.33
CA SER B 210 -17.34 -2.64 -24.44
C SER B 210 -18.27 -2.72 -25.63
N ARG B 211 -18.37 -3.93 -26.20
CA ARG B 211 -19.22 -4.20 -27.36
C ARG B 211 -20.49 -3.33 -27.31
N ARG B 212 -21.13 -3.25 -26.15
CA ARG B 212 -22.37 -2.50 -26.12
C ARG B 212 -22.14 -1.09 -26.60
N LEU B 213 -21.28 -0.34 -25.91
CA LEU B 213 -21.12 1.07 -26.20
C LEU B 213 -20.78 1.26 -27.67
N ARG B 214 -19.78 0.52 -28.14
CA ARG B 214 -19.33 0.65 -29.53
C ARG B 214 -20.44 0.30 -30.55
N GLU B 215 -21.56 -0.21 -30.05
CA GLU B 215 -22.76 -0.59 -30.80
C GLU B 215 -23.66 0.61 -31.03
N LEU B 216 -23.57 1.59 -30.12
CA LEU B 216 -24.28 2.86 -30.27
C LEU B 216 -23.45 3.76 -31.14
N PRO B 217 -23.94 4.97 -31.35
CA PRO B 217 -23.22 6.02 -32.05
C PRO B 217 -21.82 6.35 -31.51
N LEU B 218 -21.62 6.27 -30.18
CA LEU B 218 -20.41 6.75 -29.50
C LEU B 218 -19.15 6.56 -30.30
N ARG B 219 -18.38 7.62 -30.46
CA ARG B 219 -17.21 7.55 -31.32
C ARG B 219 -15.95 7.49 -30.48
N VAL B 220 -15.03 6.65 -30.94
CA VAL B 220 -14.00 6.08 -30.09
C VAL B 220 -12.61 6.51 -30.51
N GLY B 221 -11.85 7.02 -29.54
CA GLY B 221 -10.50 7.53 -29.75
C GLY B 221 -9.39 6.71 -29.13
N ARG B 222 -8.20 6.93 -29.72
CA ARG B 222 -6.89 6.47 -29.25
C ARG B 222 -6.31 7.54 -28.32
N LEU B 223 -5.37 7.16 -27.45
CA LEU B 223 -4.85 8.06 -26.43
C LEU B 223 -3.56 7.42 -26.00
N LYS B 224 -2.43 8.16 -26.04
CA LYS B 224 -1.08 7.56 -26.06
C LYS B 224 -0.16 7.72 -24.82
N THR B 225 -0.74 7.90 -23.64
CA THR B 225 0.03 8.05 -22.36
C THR B 225 1.25 7.10 -22.23
N GLY B 226 2.38 7.70 -21.86
CA GLY B 226 3.66 7.01 -21.60
C GLY B 226 4.22 7.20 -20.19
N THR B 227 5.45 6.71 -19.96
CA THR B 227 6.04 6.60 -18.61
C THR B 227 7.58 6.45 -18.58
N PRO B 228 8.24 7.17 -17.65
CA PRO B 228 9.71 7.12 -17.49
C PRO B 228 10.19 5.74 -17.00
N PRO B 229 11.45 5.33 -17.30
CA PRO B 229 11.86 4.26 -16.41
C PRO B 229 11.92 4.88 -15.03
N ARG B 230 11.22 4.23 -14.10
CA ARG B 230 11.23 4.52 -12.66
C ARG B 230 12.60 4.06 -12.08
N ILE B 231 13.26 4.91 -11.27
CA ILE B 231 14.71 4.73 -10.93
C ILE B 231 15.20 4.52 -9.48
N ASP B 232 16.36 3.87 -9.32
CA ASP B 232 16.83 3.47 -7.96
C ASP B 232 17.67 4.47 -7.16
N ALA B 233 17.09 5.02 -6.10
CA ALA B 233 17.78 6.02 -5.30
C ALA B 233 19.21 5.64 -4.92
N ARG B 234 19.45 4.38 -4.53
CA ARG B 234 20.79 3.98 -4.15
C ARG B 234 21.75 4.21 -5.30
N THR B 235 21.35 4.02 -6.53
CA THR B 235 22.37 4.13 -7.55
C THR B 235 22.51 5.56 -8.08
N ILE B 236 21.95 6.53 -7.38
CA ILE B 236 22.00 7.89 -7.91
C ILE B 236 22.91 8.75 -7.06
N ASP B 237 23.85 9.45 -7.71
CA ASP B 237 24.76 10.35 -7.01
C ASP B 237 24.16 11.73 -6.80
N PHE B 238 23.87 12.03 -5.54
CA PHE B 238 22.93 13.09 -5.16
C PHE B 238 23.65 14.35 -4.74
N SER B 239 24.98 14.25 -4.68
CA SER B 239 25.84 15.37 -4.38
C SER B 239 25.98 16.25 -5.62
N VAL B 240 26.41 15.65 -6.71
CA VAL B 240 26.75 16.43 -7.87
C VAL B 240 25.48 16.98 -8.56
N LEU B 241 24.35 16.86 -7.86
CA LEU B 241 23.05 17.38 -8.38
C LEU B 241 22.34 18.40 -7.49
N ALA B 242 21.51 19.22 -8.16
CA ALA B 242 20.98 20.50 -7.66
C ALA B 242 19.61 20.42 -7.03
N GLN B 243 19.49 20.82 -5.76
CA GLN B 243 18.23 20.67 -5.01
C GLN B 243 17.07 21.61 -5.42
N GLN B 244 15.85 21.30 -4.96
CA GLN B 244 14.70 22.20 -5.10
C GLN B 244 13.72 21.99 -3.95
N HIS B 245 13.36 23.06 -3.25
CA HIS B 245 12.63 22.89 -1.99
C HIS B 245 11.29 23.55 -1.90
N GLY B 246 10.43 23.01 -1.05
CA GLY B 246 9.10 23.56 -0.90
C GLY B 246 9.20 25.00 -0.46
N ASP B 247 8.13 25.77 -0.64
CA ASP B 247 7.98 27.14 -0.13
C ASP B 247 7.85 27.24 1.39
N ASN B 248 8.30 28.36 1.94
CA ASN B 248 8.07 28.73 3.34
C ASN B 248 7.28 30.01 3.49
N PRO B 249 6.43 30.10 4.51
CA PRO B 249 5.92 28.91 5.17
C PRO B 249 5.38 28.00 4.07
N MET B 250 4.86 26.85 4.46
CA MET B 250 4.24 25.88 3.54
C MET B 250 2.86 26.30 3.05
N PRO B 251 2.57 26.07 1.75
CA PRO B 251 1.20 26.22 1.28
C PRO B 251 0.33 25.01 1.64
N VAL B 252 -0.78 25.24 2.35
CA VAL B 252 -1.87 24.28 2.38
C VAL B 252 -2.51 24.25 0.99
N PHE B 253 -3.13 23.12 0.62
CA PHE B 253 -3.83 23.00 -0.66
C PHE B 253 -5.32 23.26 -0.54
N SER B 254 -5.97 22.58 0.38
CA SER B 254 -7.39 22.78 0.56
C SER B 254 -7.63 24.02 1.33
N PHE B 255 -8.83 24.55 1.19
CA PHE B 255 -9.23 25.71 1.98
C PHE B 255 -9.34 25.33 3.44
N MET B 256 -9.74 24.10 3.67
CA MET B 256 -10.07 23.70 5.02
C MET B 256 -8.93 23.28 5.92
N GLY B 257 -7.78 22.99 5.31
CA GLY B 257 -6.61 22.37 5.98
C GLY B 257 -5.59 23.36 6.51
N ASN B 258 -4.45 22.87 6.99
CA ASN B 258 -3.34 23.76 7.34
C ASN B 258 -2.07 22.94 7.31
N ALA B 259 -0.90 23.55 7.40
CA ALA B 259 0.26 22.77 7.01
C ALA B 259 0.73 21.81 8.09
N SER B 260 0.11 21.89 9.27
CA SER B 260 0.29 20.82 10.24
C SER B 260 -0.10 19.48 9.58
N GLN B 261 -1.33 19.32 9.13
CA GLN B 261 -1.68 18.17 8.30
C GLN B 261 -0.54 17.64 7.41
N HIS B 262 0.43 18.44 7.02
CA HIS B 262 1.39 17.90 6.07
C HIS B 262 2.36 16.92 6.71
N PRO B 263 2.89 15.97 5.94
CA PRO B 263 3.95 15.13 6.48
C PRO B 263 5.34 15.72 6.28
N GLN B 264 6.37 14.90 6.57
CA GLN B 264 7.79 15.23 6.37
C GLN B 264 7.93 15.71 4.94
N GLN B 265 8.94 16.53 4.68
CA GLN B 265 9.08 17.22 3.41
C GLN B 265 10.43 16.92 2.77
N VAL B 266 10.62 17.27 1.51
CA VAL B 266 11.92 16.93 0.87
C VAL B 266 12.23 17.53 -0.50
N PRO B 267 13.52 17.83 -0.75
CA PRO B 267 14.21 18.04 -1.99
C PRO B 267 13.56 17.43 -3.17
N CYS B 268 13.94 17.90 -4.34
CA CYS B 268 13.92 17.01 -5.48
C CYS B 268 15.11 17.47 -6.20
N TYR B 269 15.85 16.52 -6.73
CA TYR B 269 17.14 16.82 -7.30
C TYR B 269 16.95 16.98 -8.80
N ILE B 270 17.82 17.76 -9.43
CA ILE B 270 17.57 18.18 -10.78
C ILE B 270 18.77 17.77 -11.60
N THR B 271 18.55 16.91 -12.58
CA THR B 271 19.63 16.61 -13.48
C THR B 271 19.24 17.15 -14.83
N HIS B 272 20.17 17.13 -15.76
CA HIS B 272 19.91 17.75 -17.03
C HIS B 272 20.25 16.74 -18.10
N THR B 273 20.03 17.17 -19.34
CA THR B 273 20.26 16.37 -20.55
C THR B 273 21.57 16.73 -21.35
N ASN B 274 21.72 16.17 -22.56
CA ASN B 274 22.87 16.46 -23.46
C ASN B 274 22.95 15.74 -24.81
N GLU B 275 23.84 16.25 -25.65
CA GLU B 275 24.10 15.71 -26.98
C GLU B 275 23.98 14.20 -26.93
N LYS B 276 24.82 13.60 -26.08
CA LYS B 276 24.92 12.14 -25.93
C LYS B 276 23.52 11.54 -25.85
N THR B 277 22.79 11.93 -24.79
CA THR B 277 21.39 11.60 -24.63
C THR B 277 20.70 11.53 -25.99
N HIS B 278 20.82 12.61 -26.75
CA HIS B 278 20.07 12.78 -28.01
C HIS B 278 20.57 11.89 -29.15
N ASP B 279 21.89 11.75 -29.28
CA ASP B 279 22.50 10.96 -30.34
C ASP B 279 21.74 9.65 -30.27
N VAL B 280 21.91 9.02 -29.11
CA VAL B 280 21.22 7.80 -28.69
C VAL B 280 19.80 7.71 -29.24
N ILE B 281 18.98 8.66 -28.82
CA ILE B 281 17.57 8.71 -29.16
C ILE B 281 17.44 8.60 -30.67
N ARG B 282 18.07 9.55 -31.37
CA ARG B 282 18.01 9.63 -32.82
C ARG B 282 18.70 8.40 -33.44
N SER B 283 19.82 8.00 -32.85
CA SER B 283 20.52 6.79 -33.26
C SER B 283 19.64 5.55 -33.12
N ASN B 284 18.65 5.63 -32.24
CA ASN B 284 17.77 4.50 -31.97
C ASN B 284 16.32 4.73 -32.41
N LEU B 285 16.09 5.87 -33.06
CA LEU B 285 14.75 6.31 -33.45
C LEU B 285 14.01 5.42 -34.44
N ASP B 286 14.75 4.66 -35.24
CA ASP B 286 14.14 3.64 -36.09
C ASP B 286 13.35 2.57 -35.28
N ARG B 287 13.21 2.81 -33.97
CA ARG B 287 12.51 1.93 -33.02
C ARG B 287 11.58 2.80 -32.15
N SER B 288 10.30 2.84 -32.52
CA SER B 288 9.29 3.80 -32.01
C SER B 288 9.53 4.32 -30.59
N PRO B 304 3.98 13.05 -25.76
CA PRO B 304 4.46 13.69 -24.53
C PRO B 304 5.92 13.32 -24.23
N SER B 305 6.52 12.54 -25.12
CA SER B 305 7.77 11.78 -24.86
C SER B 305 9.05 12.55 -24.59
N ILE B 306 10.15 11.88 -24.92
CA ILE B 306 11.48 12.47 -25.03
C ILE B 306 11.95 12.10 -26.44
N GLU B 307 11.53 10.92 -26.89
CA GLU B 307 11.65 10.57 -28.31
C GLU B 307 10.75 11.47 -29.21
N ASP B 308 10.16 12.48 -28.55
CA ASP B 308 9.33 13.53 -29.15
C ASP B 308 10.04 14.85 -28.84
N LYS B 309 9.74 15.40 -27.66
CA LYS B 309 10.42 16.59 -27.11
C LYS B 309 11.89 16.79 -27.53
N VAL B 310 12.44 15.90 -28.34
CA VAL B 310 13.85 16.03 -28.75
C VAL B 310 14.11 15.90 -30.25
N MET B 311 13.11 15.43 -31.00
CA MET B 311 13.12 15.60 -32.45
C MET B 311 12.70 17.04 -32.80
N ARG B 312 11.76 17.59 -32.04
CA ARG B 312 11.31 18.98 -32.21
C ARG B 312 12.02 19.90 -31.22
N PHE B 313 13.28 20.24 -31.51
CA PHE B 313 14.06 21.13 -30.64
C PHE B 313 15.47 21.36 -31.16
N ALA B 314 16.43 20.66 -30.56
CA ALA B 314 17.83 20.79 -30.96
C ALA B 314 18.72 21.07 -29.76
N ASP B 315 19.57 20.11 -29.40
CA ASP B 315 20.54 20.30 -28.33
C ASP B 315 21.38 21.55 -28.56
N ARG B 316 21.04 22.62 -27.89
CA ARG B 316 21.83 23.87 -27.90
C ARG B 316 21.07 24.11 -26.65
N ASN B 317 19.91 23.47 -26.62
CA ASN B 317 19.12 23.39 -25.42
C ASN B 317 19.27 22.03 -24.70
N GLN B 318 19.58 22.11 -23.41
CA GLN B 318 19.59 20.95 -22.50
C GLN B 318 18.22 20.83 -21.84
N HIS B 319 17.46 19.80 -22.21
CA HIS B 319 16.28 19.44 -21.45
C HIS B 319 16.64 19.14 -19.99
N GLN B 320 15.92 19.82 -19.11
CA GLN B 320 16.10 19.71 -17.67
C GLN B 320 15.13 18.64 -17.16
N ILE B 321 15.66 17.76 -16.31
CA ILE B 321 15.01 16.56 -15.81
C ILE B 321 14.79 16.63 -14.30
N PHE B 322 13.72 16.02 -13.82
CA PHE B 322 13.47 16.10 -12.38
C PHE B 322 13.40 14.76 -11.67
N LEU B 323 14.23 14.60 -10.66
CA LEU B 323 14.12 13.41 -9.87
C LEU B 323 13.17 13.77 -8.76
N GLU B 324 11.97 13.22 -8.90
CA GLU B 324 10.88 13.29 -7.93
C GLU B 324 10.90 11.95 -7.24
N PRO B 325 10.94 11.98 -5.91
CA PRO B 325 10.90 10.87 -4.96
C PRO B 325 9.50 10.32 -4.91
N GLU B 326 9.32 9.04 -5.25
CA GLU B 326 8.01 8.41 -5.16
C GLU B 326 7.55 8.28 -3.70
N GLY B 327 8.41 8.55 -2.74
CA GLY B 327 7.83 8.78 -1.44
C GLY B 327 8.67 8.58 -0.20
N LEU B 328 8.21 9.19 0.88
CA LEU B 328 8.87 9.08 2.15
C LEU B 328 9.43 7.71 2.49
N THR B 329 8.99 6.65 1.83
CA THR B 329 9.43 5.31 2.23
C THR B 329 9.85 4.46 1.04
N SER B 330 10.46 5.06 0.01
CA SER B 330 10.99 4.24 -1.09
C SER B 330 12.07 4.84 -1.95
N ASN B 331 13.11 4.03 -2.14
CA ASN B 331 14.23 4.34 -3.05
C ASN B 331 13.84 4.43 -4.52
N GLU B 332 12.58 4.64 -4.80
CA GLU B 332 12.19 4.76 -6.17
C GLU B 332 12.18 6.23 -6.56
N ILE B 333 12.81 6.54 -7.69
CA ILE B 333 12.92 7.90 -8.17
C ILE B 333 12.23 8.05 -9.57
N TYR B 334 11.31 9.01 -9.66
CA TYR B 334 10.61 9.31 -10.92
C TYR B 334 11.40 10.36 -11.69
N PRO B 335 12.06 9.96 -12.78
CA PRO B 335 12.78 10.97 -13.55
C PRO B 335 11.83 11.74 -14.46
N ASN B 336 11.26 12.80 -13.92
CA ASN B 336 10.22 13.56 -14.58
C ASN B 336 10.59 14.08 -15.95
N GLY B 337 9.74 13.73 -16.92
CA GLY B 337 10.00 13.98 -18.33
C GLY B 337 11.22 13.26 -18.89
N ILE B 338 11.10 11.94 -19.07
CA ILE B 338 11.93 11.19 -19.99
C ILE B 338 11.14 9.94 -20.25
N SER B 339 9.82 10.10 -20.25
CA SER B 339 8.94 9.00 -20.57
C SER B 339 9.31 8.49 -21.95
N THR B 340 8.92 7.26 -22.27
CA THR B 340 9.53 6.61 -23.42
C THR B 340 8.86 5.31 -23.81
N SER B 341 8.79 5.04 -25.11
CA SER B 341 8.48 3.68 -25.57
C SER B 341 9.81 3.03 -26.05
N LEU B 342 10.85 3.88 -26.10
CA LEU B 342 12.23 3.49 -26.43
C LEU B 342 12.67 2.26 -25.66
N PRO B 343 13.26 1.27 -26.34
CA PRO B 343 13.55 -0.01 -25.71
C PRO B 343 14.56 0.07 -24.56
N PHE B 344 14.65 -1.01 -23.80
CA PHE B 344 15.27 -0.92 -22.49
C PHE B 344 16.65 -0.29 -22.52
N ASP B 345 17.52 -0.80 -23.40
CA ASP B 345 18.92 -0.41 -23.45
C ASP B 345 19.03 1.08 -23.65
N VAL B 346 18.33 1.57 -24.66
CA VAL B 346 18.22 3.00 -24.84
C VAL B 346 17.89 3.72 -23.54
N GLN B 347 16.85 3.25 -22.83
CA GLN B 347 16.35 3.94 -21.64
C GLN B 347 17.50 4.08 -20.70
N MET B 348 18.30 3.02 -20.63
CA MET B 348 19.42 2.99 -19.70
C MET B 348 20.50 3.95 -20.20
N GLN B 349 20.96 3.70 -21.42
CA GLN B 349 21.88 4.56 -22.15
C GLN B 349 21.52 5.98 -21.69
N ILE B 350 20.24 6.32 -21.82
CA ILE B 350 19.75 7.64 -21.50
C ILE B 350 19.84 7.95 -20.00
N VAL B 351 19.43 7.01 -19.15
CA VAL B 351 19.26 7.42 -17.77
C VAL B 351 20.66 7.68 -17.38
N ARG B 352 21.53 6.89 -18.01
CA ARG B 352 22.93 6.69 -17.60
C ARG B 352 23.83 7.85 -17.96
N SER B 353 23.59 8.38 -19.16
CA SER B 353 24.33 9.50 -19.71
C SER B 353 24.20 10.84 -18.96
N MET B 354 23.20 11.07 -18.13
CA MET B 354 23.17 12.39 -17.55
C MET B 354 23.97 12.46 -16.29
N GLN B 355 24.00 13.65 -15.72
CA GLN B 355 24.83 13.89 -14.56
C GLN B 355 24.10 13.28 -13.38
N GLY B 356 24.79 13.09 -12.24
CA GLY B 356 24.27 12.37 -11.06
C GLY B 356 24.05 10.86 -11.19
N MET B 357 23.75 10.40 -12.40
CA MET B 357 23.37 9.01 -12.62
C MET B 357 24.15 8.41 -13.75
N GLU B 358 25.43 8.28 -13.50
CA GLU B 358 26.30 7.67 -14.46
C GLU B 358 26.20 6.18 -14.14
N ASN B 359 26.09 5.87 -12.85
CA ASN B 359 25.79 4.52 -12.40
C ASN B 359 24.36 4.39 -11.89
N ALA B 360 23.40 4.63 -12.74
CA ALA B 360 22.10 4.38 -12.24
C ALA B 360 21.76 2.97 -12.64
N LYS B 361 21.01 2.31 -11.76
CA LYS B 361 20.38 1.05 -12.06
C LYS B 361 18.88 1.38 -12.06
N ILE B 362 18.19 0.84 -13.08
CA ILE B 362 16.74 0.97 -13.35
C ILE B 362 15.88 0.04 -12.45
N VAL B 363 14.81 0.51 -11.85
CA VAL B 363 14.09 -0.50 -11.12
C VAL B 363 12.94 -1.16 -11.85
N ARG B 364 12.14 -0.34 -12.54
CA ARG B 364 11.05 -0.77 -13.43
C ARG B 364 11.18 -0.06 -14.76
N PRO B 365 11.07 -0.79 -15.89
CA PRO B 365 11.42 -0.08 -17.12
C PRO B 365 10.35 0.90 -17.52
N GLY B 366 10.69 1.88 -18.35
CA GLY B 366 9.67 2.73 -18.99
C GLY B 366 8.89 1.97 -20.05
N TYR B 367 7.75 2.53 -20.47
CA TYR B 367 6.84 1.89 -21.43
C TYR B 367 5.75 2.89 -21.70
N ALA B 368 5.17 2.88 -22.90
CA ALA B 368 3.97 3.68 -23.14
C ALA B 368 2.68 2.84 -23.31
N ILE B 369 1.54 3.28 -22.79
CA ILE B 369 0.31 2.57 -23.20
C ILE B 369 -0.51 3.28 -24.29
N GLU B 370 -1.40 2.49 -24.90
CA GLU B 370 -2.44 2.97 -25.79
C GLU B 370 -3.77 2.69 -25.13
N TYR B 371 -4.47 3.75 -24.75
CA TYR B 371 -5.88 3.64 -24.35
C TYR B 371 -6.81 3.87 -25.54
N ASP B 372 -8.04 3.38 -25.41
CA ASP B 372 -9.13 3.79 -26.27
C ASP B 372 -9.93 4.75 -25.40
N PHE B 373 -10.83 5.52 -25.96
CA PHE B 373 -11.70 6.25 -25.05
C PHE B 373 -12.83 6.86 -25.81
N PHE B 374 -13.85 7.27 -25.09
CA PHE B 374 -15.02 7.72 -25.78
C PHE B 374 -15.09 9.21 -25.78
N ASP B 375 -14.68 9.78 -26.90
CA ASP B 375 -14.87 11.16 -27.24
C ASP B 375 -16.09 11.70 -26.58
N PRO B 376 -15.97 12.79 -25.80
CA PRO B 376 -17.01 13.25 -24.92
C PRO B 376 -17.90 14.27 -25.59
N ARG B 377 -17.62 14.56 -26.85
CA ARG B 377 -18.47 15.46 -27.62
C ARG B 377 -19.93 15.00 -27.58
N ASP B 378 -20.13 13.74 -27.22
CA ASP B 378 -21.47 13.21 -27.14
C ASP B 378 -21.87 13.20 -25.70
N LEU B 379 -21.33 14.09 -24.89
CA LEU B 379 -21.86 14.17 -23.54
C LEU B 379 -22.67 15.45 -23.48
N LYS B 380 -23.65 15.48 -22.57
CA LYS B 380 -24.23 16.74 -22.15
C LYS B 380 -23.16 17.41 -21.28
N PRO B 381 -23.31 18.71 -21.00
CA PRO B 381 -22.33 19.34 -20.15
C PRO B 381 -22.75 19.27 -18.70
N THR B 382 -23.37 18.14 -18.34
CA THR B 382 -23.51 17.71 -16.98
C THR B 382 -22.74 16.44 -16.95
N LEU B 383 -22.44 15.98 -18.16
CA LEU B 383 -21.71 14.75 -18.39
C LEU B 383 -22.62 13.59 -18.84
N GLU B 384 -23.76 13.40 -18.17
CA GLU B 384 -24.81 12.48 -18.69
C GLU B 384 -24.71 12.23 -20.22
N SER B 385 -24.31 11.02 -20.60
CA SER B 385 -24.15 10.70 -22.02
C SER B 385 -25.41 11.09 -22.64
N LYS B 386 -25.32 11.48 -23.90
CA LYS B 386 -26.48 11.84 -24.69
C LYS B 386 -27.28 10.60 -25.09
N PHE B 387 -26.69 9.41 -25.17
CA PHE B 387 -27.49 8.24 -25.54
C PHE B 387 -28.21 7.41 -24.50
N ILE B 388 -27.74 7.40 -23.27
CA ILE B 388 -28.30 6.42 -22.38
C ILE B 388 -28.65 7.14 -21.13
N GLN B 389 -29.70 7.92 -21.21
CA GLN B 389 -30.26 8.61 -20.05
C GLN B 389 -29.69 8.10 -18.77
N GLY B 390 -29.24 9.00 -17.89
CA GLY B 390 -28.74 8.61 -16.56
C GLY B 390 -27.35 7.97 -16.44
N LEU B 391 -26.65 7.81 -17.56
CA LEU B 391 -25.33 7.23 -17.55
C LEU B 391 -24.30 8.29 -17.86
N PHE B 392 -23.62 8.84 -16.86
CA PHE B 392 -22.55 9.83 -17.09
C PHE B 392 -21.15 9.27 -17.27
N PHE B 393 -20.28 10.03 -17.94
CA PHE B 393 -18.88 9.64 -18.16
C PHE B 393 -17.85 10.66 -17.65
N ALA B 394 -17.35 10.52 -16.42
CA ALA B 394 -16.14 11.26 -15.98
C ALA B 394 -14.88 10.44 -16.15
N GLY B 395 -13.78 11.11 -16.46
CA GLY B 395 -12.49 10.46 -16.38
C GLY B 395 -11.73 10.12 -17.65
N GLN B 396 -10.92 9.08 -17.60
CA GLN B 396 -9.90 9.04 -18.60
C GLN B 396 -10.55 8.41 -19.80
N ILE B 397 -11.85 8.20 -19.63
CA ILE B 397 -12.64 7.54 -20.65
C ILE B 397 -12.97 8.52 -21.78
N ASN B 398 -13.34 9.73 -21.32
CA ASN B 398 -13.42 11.02 -22.07
C ASN B 398 -12.12 11.50 -22.69
N GLY B 399 -11.00 10.96 -22.24
CA GLY B 399 -9.79 11.03 -23.03
C GLY B 399 -8.77 11.98 -22.43
N THR B 400 -9.12 12.59 -21.31
CA THR B 400 -8.13 13.36 -20.58
C THR B 400 -7.17 12.40 -19.89
N THR B 401 -6.05 12.88 -19.33
CA THR B 401 -5.30 12.06 -18.40
C THR B 401 -5.23 12.57 -16.96
N GLY B 402 -4.52 13.66 -16.72
CA GLY B 402 -4.40 14.25 -15.36
C GLY B 402 -5.38 14.09 -14.19
N TYR B 403 -4.83 13.69 -13.05
CA TYR B 403 -5.61 13.35 -11.87
C TYR B 403 -6.60 14.41 -11.48
N GLU B 404 -6.42 15.62 -11.97
CA GLU B 404 -7.13 16.69 -11.32
C GLU B 404 -8.41 16.90 -12.13
N GLU B 405 -8.27 17.01 -13.45
CA GLU B 405 -9.46 17.04 -14.30
C GLU B 405 -10.38 15.86 -13.99
N ALA B 406 -9.83 14.67 -14.19
CA ALA B 406 -10.43 13.50 -13.62
C ALA B 406 -11.11 13.89 -12.31
N ALA B 407 -10.36 14.23 -11.28
CA ALA B 407 -11.11 14.40 -10.04
C ALA B 407 -12.30 15.31 -10.25
N ALA B 408 -12.07 16.38 -11.00
CA ALA B 408 -13.09 17.42 -11.13
C ALA B 408 -14.32 16.92 -11.88
N GLN B 409 -14.12 16.40 -13.12
CA GLN B 409 -15.23 15.76 -13.83
C GLN B 409 -16.01 14.86 -12.90
N GLY B 410 -15.32 13.87 -12.34
CA GLY B 410 -15.94 13.03 -11.33
C GLY B 410 -16.80 13.79 -10.33
N LEU B 411 -16.29 14.88 -9.76
CA LEU B 411 -17.11 15.61 -8.80
C LEU B 411 -18.50 15.94 -9.39
N LEU B 412 -18.50 16.48 -10.61
CA LEU B 412 -19.71 16.78 -11.35
C LEU B 412 -20.52 15.51 -11.56
N ALA B 413 -20.03 14.70 -12.49
CA ALA B 413 -20.71 13.48 -12.92
C ALA B 413 -21.37 12.74 -11.76
N GLY B 414 -20.71 12.75 -10.61
CA GLY B 414 -21.35 12.21 -9.42
C GLY B 414 -22.54 13.08 -9.04
N LEU B 415 -22.21 14.22 -8.44
CA LEU B 415 -23.14 15.32 -8.14
C LEU B 415 -24.36 15.38 -9.03
N ASN B 416 -24.14 15.21 -10.34
CA ASN B 416 -25.24 15.24 -11.31
C ASN B 416 -26.15 14.02 -11.28
N ALA B 417 -25.59 12.86 -11.63
CA ALA B 417 -26.19 11.57 -11.37
C ALA B 417 -26.77 11.46 -9.96
N ALA B 418 -26.13 12.09 -8.99
CA ALA B 418 -26.60 11.95 -7.62
C ALA B 418 -27.91 12.70 -7.44
N ARG B 419 -28.16 13.61 -8.37
CA ARG B 419 -29.35 14.44 -8.39
C ARG B 419 -30.46 13.77 -9.15
N LEU B 420 -30.25 13.60 -10.45
CA LEU B 420 -31.06 12.67 -11.23
C LEU B 420 -31.74 11.64 -10.30
N SER B 421 -30.96 10.88 -9.54
CA SER B 421 -31.52 10.02 -8.49
C SER B 421 -32.53 10.63 -7.51
N ASP B 422 -32.42 11.91 -7.15
CA ASP B 422 -33.36 12.51 -6.19
C ASP B 422 -34.35 13.31 -7.00
N ASP B 423 -34.42 12.97 -8.29
CA ASP B 423 -35.26 13.66 -9.27
C ASP B 423 -35.05 15.12 -9.22
N LYS B 424 -33.81 15.56 -9.36
CA LYS B 424 -33.56 16.99 -9.38
C LYS B 424 -32.71 17.34 -10.59
N GLU B 425 -32.05 18.48 -10.57
CA GLU B 425 -31.49 18.96 -11.82
C GLU B 425 -30.00 19.20 -11.97
N GLY B 426 -29.48 18.77 -13.12
CA GLY B 426 -28.07 18.85 -13.41
C GLY B 426 -27.57 20.26 -13.25
N TRP B 427 -26.45 20.43 -12.55
CA TRP B 427 -25.75 21.67 -12.58
C TRP B 427 -24.87 21.52 -13.79
N ALA B 428 -24.27 22.58 -14.27
CA ALA B 428 -23.56 22.48 -15.53
C ALA B 428 -22.70 23.70 -15.53
N PRO B 429 -21.56 23.63 -14.85
CA PRO B 429 -21.28 24.96 -14.44
C PRO B 429 -20.68 25.76 -15.55
N ALA B 430 -20.98 27.05 -15.49
CA ALA B 430 -20.68 28.04 -16.48
C ALA B 430 -19.20 28.34 -16.65
N ARG B 431 -18.74 28.23 -17.90
CA ARG B 431 -17.37 28.57 -18.33
C ARG B 431 -16.73 29.88 -17.79
N SER B 432 -17.13 30.30 -16.61
CA SER B 432 -16.82 31.62 -16.15
C SER B 432 -17.23 31.58 -14.72
N GLN B 433 -17.74 30.41 -14.35
CA GLN B 433 -18.07 30.11 -12.98
C GLN B 433 -16.78 29.55 -12.39
N ALA B 434 -16.03 28.85 -13.22
CA ALA B 434 -14.91 28.07 -12.74
C ALA B 434 -14.32 27.24 -13.87
N TYR B 435 -13.07 26.84 -13.71
CA TYR B 435 -12.40 26.06 -14.73
C TYR B 435 -12.97 24.70 -14.90
N LEU B 436 -13.60 24.19 -13.85
CA LEU B 436 -14.27 22.90 -13.92
C LEU B 436 -15.14 23.02 -15.16
N GLY B 437 -15.92 24.10 -15.15
CA GLY B 437 -16.58 24.74 -16.32
C GLY B 437 -15.82 24.92 -17.63
N VAL B 438 -14.75 25.69 -17.66
CA VAL B 438 -14.00 25.80 -18.89
C VAL B 438 -13.59 24.48 -19.47
N LEU B 439 -13.44 23.49 -18.61
CA LEU B 439 -13.04 22.16 -19.04
C LEU B 439 -14.23 21.53 -19.71
N VAL B 440 -15.20 21.14 -18.90
CA VAL B 440 -16.40 20.46 -19.35
C VAL B 440 -16.82 21.04 -20.66
N ASP B 441 -17.07 22.34 -20.68
CA ASP B 441 -17.30 22.97 -21.98
C ASP B 441 -16.28 22.48 -23.02
N ASP B 442 -15.10 23.06 -23.07
CA ASP B 442 -14.10 22.64 -24.06
C ASP B 442 -14.25 21.14 -24.48
N LEU B 443 -14.60 20.30 -23.50
CA LEU B 443 -14.69 18.86 -23.68
C LEU B 443 -15.89 18.49 -24.51
N CYS B 444 -17.10 18.89 -24.09
CA CYS B 444 -18.27 18.57 -24.88
C CYS B 444 -18.25 19.23 -26.23
N THR B 445 -17.45 20.28 -26.40
CA THR B 445 -17.54 21.08 -27.63
C THR B 445 -16.49 20.77 -28.63
N LEU B 446 -15.26 20.71 -28.17
CA LEU B 446 -14.21 20.36 -29.12
C LEU B 446 -13.55 19.08 -28.66
N GLY B 447 -13.90 18.67 -27.44
CA GLY B 447 -13.77 17.28 -27.02
C GLY B 447 -12.37 16.81 -26.74
N THR B 448 -11.74 17.54 -25.84
CA THR B 448 -10.33 17.73 -25.81
C THR B 448 -10.25 18.87 -24.85
N LYS B 449 -9.29 18.81 -23.94
CA LYS B 449 -9.13 19.84 -22.92
C LYS B 449 -8.27 20.93 -23.54
N GLU B 450 -8.42 22.17 -23.08
CA GLU B 450 -7.59 23.26 -23.59
C GLU B 450 -6.13 23.08 -23.19
N PRO B 451 -5.24 23.00 -24.21
CA PRO B 451 -3.82 22.83 -24.05
C PRO B 451 -3.42 23.70 -22.90
N TYR B 452 -2.37 23.31 -22.20
CA TYR B 452 -1.91 24.09 -21.08
C TYR B 452 -1.16 25.26 -21.64
N ARG B 453 -0.35 24.99 -22.67
CA ARG B 453 0.23 26.01 -23.49
C ARG B 453 -0.65 27.24 -23.31
N MET B 454 -1.82 27.27 -23.93
CA MET B 454 -2.77 28.37 -23.75
C MET B 454 -2.95 28.90 -22.35
N PHE B 455 -3.04 28.04 -21.34
CA PHE B 455 -3.61 28.47 -20.04
C PHE B 455 -3.21 29.85 -19.62
N THR B 456 -1.89 30.03 -19.71
CA THR B 456 -1.17 31.21 -19.26
C THR B 456 -1.71 32.53 -19.81
N SER B 457 -1.73 32.65 -21.17
CA SER B 457 -2.33 33.78 -21.95
C SER B 457 -3.79 33.81 -21.69
N ARG B 458 -4.50 33.08 -22.51
CA ARG B 458 -5.87 32.83 -22.17
C ARG B 458 -6.29 33.34 -20.76
N ALA B 459 -5.46 33.17 -19.73
CA ALA B 459 -5.91 33.47 -18.38
C ALA B 459 -6.19 34.94 -18.08
N GLU B 460 -5.68 35.83 -18.93
CA GLU B 460 -5.92 37.29 -18.85
C GLU B 460 -7.40 37.61 -18.97
N TYR B 461 -7.98 37.13 -20.06
CA TYR B 461 -9.43 37.08 -20.23
C TYR B 461 -10.28 36.51 -19.08
N ARG B 462 -9.73 35.58 -18.31
CA ARG B 462 -10.54 34.87 -17.31
C ARG B 462 -10.51 35.53 -15.96
N LEU B 463 -9.33 35.47 -15.35
CA LEU B 463 -8.90 36.53 -14.43
C LEU B 463 -9.64 36.67 -13.11
N MET B 464 -10.87 36.18 -13.05
CA MET B 464 -11.48 36.02 -11.78
C MET B 464 -11.41 34.53 -11.45
N LEU B 465 -10.84 33.79 -12.40
CA LEU B 465 -10.78 32.36 -12.27
C LEU B 465 -9.46 31.97 -11.59
N ARG B 466 -9.48 32.07 -10.28
CA ARG B 466 -8.24 32.19 -9.55
C ARG B 466 -8.23 31.17 -8.44
N GLU B 467 -7.05 30.57 -8.17
CA GLU B 467 -6.94 29.68 -7.03
C GLU B 467 -7.51 30.41 -5.81
N ASP B 468 -7.00 31.59 -5.48
CA ASP B 468 -7.33 32.22 -4.20
C ASP B 468 -8.80 32.44 -3.85
N ASN B 469 -9.67 32.29 -4.85
CA ASN B 469 -11.11 32.59 -4.70
C ASN B 469 -12.12 31.51 -5.07
N ALA B 470 -11.66 30.26 -5.10
CA ALA B 470 -12.48 29.16 -5.56
C ALA B 470 -13.53 29.09 -4.51
N ASP B 471 -13.13 29.29 -3.28
CA ASP B 471 -14.14 29.10 -2.26
C ASP B 471 -15.29 30.06 -2.45
N LEU B 472 -14.99 31.24 -2.96
CA LEU B 472 -15.97 32.33 -3.11
C LEU B 472 -16.92 31.96 -4.23
N ARG B 473 -16.43 32.13 -5.44
CA ARG B 473 -16.96 31.46 -6.62
C ARG B 473 -17.88 30.25 -6.33
N LEU B 474 -17.34 29.19 -5.76
CA LEU B 474 -18.08 27.94 -5.79
C LEU B 474 -18.74 27.45 -4.49
N THR B 475 -18.25 27.86 -3.32
CA THR B 475 -18.63 27.12 -2.10
C THR B 475 -20.09 27.29 -1.64
N GLU B 476 -20.82 28.25 -2.20
CA GLU B 476 -22.26 28.22 -1.90
C GLU B 476 -23.07 27.52 -2.96
N ILE B 477 -22.73 27.73 -4.22
CA ILE B 477 -23.30 26.84 -5.20
C ILE B 477 -23.12 25.45 -4.61
N GLY B 478 -22.02 25.28 -3.89
CA GLY B 478 -21.79 24.03 -3.19
C GLY B 478 -22.92 23.91 -2.20
N ARG B 479 -22.79 24.57 -1.07
CA ARG B 479 -23.76 24.41 -0.02
C ARG B 479 -25.18 24.25 -0.64
N GLU B 480 -25.60 25.17 -1.50
CA GLU B 480 -26.97 25.14 -2.06
C GLU B 480 -27.20 23.82 -2.79
N LEU B 481 -26.28 23.46 -3.67
CA LEU B 481 -26.36 22.20 -4.38
C LEU B 481 -26.50 20.95 -3.54
N GLY B 482 -25.99 20.98 -2.30
CA GLY B 482 -25.95 19.78 -1.45
C GLY B 482 -24.57 19.23 -1.07
N LEU B 483 -23.51 19.71 -1.73
CA LEU B 483 -22.13 19.22 -1.53
C LEU B 483 -21.30 19.81 -0.39
N VAL B 484 -21.83 20.65 0.50
CA VAL B 484 -20.94 21.26 1.49
C VAL B 484 -21.31 21.09 2.95
N ASP B 485 -20.35 20.75 3.78
CA ASP B 485 -20.69 20.32 5.13
C ASP B 485 -20.82 21.44 6.17
N ASP B 486 -21.91 21.38 6.94
CA ASP B 486 -22.20 22.34 7.98
C ASP B 486 -20.96 22.99 8.55
N GLU B 487 -19.85 22.28 8.53
CA GLU B 487 -18.73 22.84 9.22
C GLU B 487 -17.67 23.41 8.33
N ARG B 488 -17.82 23.20 7.03
CA ARG B 488 -17.04 23.98 6.09
C ARG B 488 -17.85 25.22 5.82
N TRP B 489 -19.16 25.02 5.72
CA TRP B 489 -20.09 26.11 5.46
C TRP B 489 -19.83 27.19 6.47
N ALA B 490 -19.77 26.79 7.74
CA ALA B 490 -19.63 27.76 8.83
C ALA B 490 -18.25 28.38 8.96
N ARG B 491 -17.28 27.90 8.19
CA ARG B 491 -16.01 28.61 8.18
C ARG B 491 -16.00 29.56 7.03
N PHE B 492 -16.44 29.09 5.89
CA PHE B 492 -16.51 29.92 4.70
C PHE B 492 -17.30 31.18 4.92
N ASN B 493 -18.21 31.16 5.88
CA ASN B 493 -18.87 32.40 6.26
C ASN B 493 -17.88 33.27 7.06
N GLU B 494 -17.42 32.75 8.20
CA GLU B 494 -16.33 33.43 8.88
C GLU B 494 -15.34 34.09 7.89
N LYS B 495 -14.95 33.41 6.82
CA LYS B 495 -14.00 33.99 5.88
C LYS B 495 -14.70 35.08 5.07
N LEU B 496 -16.01 35.17 5.20
CA LEU B 496 -16.72 36.29 4.59
C LEU B 496 -16.87 37.45 5.58
N GLU B 497 -17.76 37.29 6.57
CA GLU B 497 -17.89 38.30 7.62
C GLU B 497 -16.54 38.97 7.85
N ASN B 498 -15.50 38.18 8.10
CA ASN B 498 -14.15 38.74 8.22
C ASN B 498 -13.58 39.49 7.01
N ILE B 499 -14.20 39.39 5.85
CA ILE B 499 -13.66 40.14 4.73
C ILE B 499 -14.47 41.39 4.51
N GLU B 500 -15.79 41.24 4.38
CA GLU B 500 -16.66 42.39 4.23
C GLU B 500 -16.25 43.38 5.34
N ARG B 501 -16.50 42.97 6.59
CA ARG B 501 -16.31 43.82 7.78
C ARG B 501 -15.00 44.61 7.79
N GLU B 502 -13.92 44.01 7.32
CA GLU B 502 -12.60 44.61 7.42
C GLU B 502 -12.05 45.09 6.08
N ARG B 503 -12.93 45.18 5.09
CA ARG B 503 -12.58 45.85 3.82
C ARG B 503 -13.30 47.20 3.71
N GLN B 504 -14.52 47.26 4.25
CA GLN B 504 -15.22 48.53 4.50
C GLN B 504 -14.49 49.31 5.61
N ARG B 505 -13.97 48.59 6.60
CA ARG B 505 -13.07 49.13 7.60
C ARG B 505 -11.63 49.39 7.09
N LEU B 506 -11.43 49.44 5.77
CA LEU B 506 -10.15 49.87 5.23
C LEU B 506 -10.31 51.05 4.26
N LYS B 507 -11.55 51.44 4.04
CA LYS B 507 -11.86 52.71 3.39
C LYS B 507 -12.46 53.63 4.47
N SER B 508 -13.22 53.04 5.40
CA SER B 508 -13.72 53.75 6.56
C SER B 508 -12.60 54.43 7.37
N THR B 509 -11.35 54.20 6.99
CA THR B 509 -10.22 54.68 7.79
C THR B 509 -9.08 55.28 6.95
N TRP B 510 -8.91 56.59 7.10
CA TRP B 510 -7.98 57.44 6.32
C TRP B 510 -6.85 58.07 7.11
N VAL B 511 -5.83 58.50 6.39
CA VAL B 511 -4.78 59.34 7.01
C VAL B 511 -4.55 60.66 6.28
N THR B 512 -4.91 61.73 6.98
CA THR B 512 -4.53 63.10 6.61
C THR B 512 -3.02 63.28 6.85
N PRO B 513 -2.32 63.96 5.93
CA PRO B 513 -0.91 64.31 6.19
C PRO B 513 -0.71 65.21 7.42
N SER B 514 -1.80 65.38 8.20
CA SER B 514 -1.96 66.39 9.25
C SER B 514 -2.13 65.88 10.70
N ALA B 515 -2.82 64.74 10.87
CA ALA B 515 -3.01 64.13 12.18
C ALA B 515 -1.73 63.42 12.65
N GLU B 516 -1.61 63.21 13.97
CA GLU B 516 -0.44 62.65 14.65
C GLU B 516 0.56 61.90 13.75
N ALA B 517 0.43 60.57 13.69
CA ALA B 517 1.41 59.68 13.03
C ALA B 517 1.35 59.70 11.49
N ALA B 518 1.17 60.91 10.94
CA ALA B 518 1.26 61.14 9.49
C ALA B 518 2.68 60.83 8.98
N ALA B 519 3.69 61.20 9.76
CA ALA B 519 5.10 61.01 9.38
C ALA B 519 5.61 59.57 9.38
N GLU B 520 4.99 58.70 10.20
CA GLU B 520 5.32 57.27 10.27
C GLU B 520 4.89 56.52 8.99
N VAL B 521 3.73 56.91 8.47
CA VAL B 521 3.19 56.41 7.21
C VAL B 521 4.11 56.81 6.04
N ASN B 522 4.47 58.09 6.02
CA ASN B 522 5.21 58.72 4.93
C ASN B 522 6.61 58.13 4.68
N ALA B 523 7.03 57.28 5.62
CA ALA B 523 8.29 56.57 5.55
C ALA B 523 8.29 55.51 4.46
N HIS B 524 7.18 54.77 4.39
CA HIS B 524 7.06 53.54 3.58
C HIS B 524 6.68 53.75 2.11
N LEU B 525 6.02 54.87 1.81
CA LEU B 525 5.39 55.12 0.50
C LEU B 525 6.32 55.54 -0.64
N THR B 526 5.77 56.34 -1.55
CA THR B 526 6.50 56.77 -2.75
C THR B 526 6.87 58.26 -2.69
N ALA B 527 5.86 59.14 -2.59
CA ALA B 527 6.06 60.58 -2.40
C ALA B 527 5.04 61.05 -1.36
N PRO B 528 5.41 61.00 -0.05
CA PRO B 528 4.55 61.19 1.13
C PRO B 528 3.25 61.99 1.04
N LEU B 529 2.35 61.70 1.99
CA LEU B 529 0.93 62.07 1.95
C LEU B 529 0.57 63.49 1.53
N SER B 530 -0.05 63.60 0.35
CA SER B 530 -0.58 64.85 -0.18
C SER B 530 -2.12 64.98 -0.14
N ARG B 531 -2.83 63.87 0.10
CA ARG B 531 -4.29 63.87 0.24
C ARG B 531 -4.77 62.91 1.33
N GLU B 532 -5.84 63.34 2.02
CA GLU B 532 -6.63 62.50 2.91
C GLU B 532 -6.89 61.19 2.20
N ALA B 533 -5.95 60.26 2.40
CA ALA B 533 -5.97 58.93 1.77
C ALA B 533 -6.41 57.84 2.76
N SER B 534 -7.21 56.90 2.25
CA SER B 534 -7.62 55.68 3.00
C SER B 534 -6.67 54.51 2.72
N GLY B 535 -6.50 53.64 3.72
CA GLY B 535 -5.59 52.49 3.64
C GLY B 535 -5.71 51.66 2.37
N GLU B 536 -6.93 51.32 2.00
CA GLU B 536 -7.20 50.75 0.69
C GLU B 536 -6.36 51.48 -0.37
N ASP B 537 -6.62 52.78 -0.52
CA ASP B 537 -5.99 53.62 -1.56
C ASP B 537 -4.48 53.44 -1.65
N LEU B 538 -3.86 53.21 -0.50
CA LEU B 538 -2.41 53.08 -0.40
C LEU B 538 -1.95 51.63 -0.40
N LEU B 539 -2.86 50.71 -0.10
CA LEU B 539 -2.52 49.30 -0.28
C LEU B 539 -2.29 49.08 -1.76
N ARG B 540 -3.20 49.63 -2.56
CA ARG B 540 -3.07 49.53 -4.00
C ARG B 540 -1.64 49.87 -4.45
N ARG B 541 -0.96 50.75 -3.71
CA ARG B 541 0.37 51.30 -4.08
C ARG B 541 1.50 50.25 -4.05
N PRO B 542 2.08 49.95 -5.23
CA PRO B 542 3.02 48.86 -5.56
C PRO B 542 4.07 48.45 -4.51
N GLU B 543 4.61 49.40 -3.75
CA GLU B 543 5.63 49.10 -2.74
C GLU B 543 5.06 48.44 -1.46
N MET B 544 3.87 48.88 -1.07
CA MET B 544 3.24 48.57 0.22
C MET B 544 2.48 47.23 0.24
N THR B 545 2.57 46.49 1.35
CA THR B 545 1.85 45.23 1.52
C THR B 545 1.00 45.20 2.78
N TYR B 546 -0.15 44.54 2.71
CA TYR B 546 -1.11 44.53 3.82
C TYR B 546 -0.47 44.29 5.17
N GLU B 547 0.56 43.46 5.17
CA GLU B 547 1.23 43.07 6.41
C GLU B 547 1.84 44.29 7.12
N LYS B 548 2.65 45.05 6.38
CA LYS B 548 3.19 46.32 6.88
C LYS B 548 2.10 47.37 7.17
N LEU B 549 1.16 47.55 6.24
CA LEU B 549 0.10 48.54 6.41
C LEU B 549 -0.76 48.38 7.68
N THR B 550 -0.78 47.19 8.27
CA THR B 550 -1.45 47.00 9.56
C THR B 550 -0.58 47.48 10.74
N THR B 551 0.74 47.49 10.52
CA THR B 551 1.78 47.94 11.46
C THR B 551 1.57 49.40 11.90
N LEU B 552 1.23 50.26 10.94
CA LEU B 552 1.10 51.71 11.14
C LEU B 552 -0.19 52.06 11.88
N THR B 553 -0.06 52.96 12.86
CA THR B 553 -0.99 53.15 13.99
C THR B 553 -2.49 53.46 13.70
N PRO B 554 -2.83 54.05 12.54
CA PRO B 554 -4.25 54.25 12.29
C PRO B 554 -4.93 53.00 11.68
N PHE B 555 -4.10 52.12 11.12
CA PHE B 555 -4.55 50.93 10.38
C PHE B 555 -4.24 49.62 11.10
N ALA B 556 -3.87 49.72 12.37
CA ALA B 556 -3.90 48.56 13.26
C ALA B 556 -5.33 48.41 13.75
N PRO B 557 -5.75 47.17 14.11
CA PRO B 557 -4.90 45.99 14.23
C PRO B 557 -4.58 45.28 12.90
N ALA B 558 -3.77 44.22 12.97
CA ALA B 558 -3.69 43.24 11.91
C ALA B 558 -4.97 42.39 11.89
N LEU B 559 -5.06 41.44 10.96
CA LEU B 559 -6.19 40.53 10.94
C LEU B 559 -5.71 39.12 11.27
N THR B 560 -6.44 38.43 12.16
CA THR B 560 -6.10 37.06 12.56
C THR B 560 -6.22 36.06 11.43
N ASP B 561 -7.42 35.98 10.83
CA ASP B 561 -7.71 35.14 9.66
C ASP B 561 -6.67 35.28 8.53
N GLU B 562 -5.60 34.49 8.64
CA GLU B 562 -4.48 34.49 7.69
C GLU B 562 -4.90 34.52 6.20
N GLN B 563 -6.14 34.10 5.96
CA GLN B 563 -6.67 33.96 4.61
C GLN B 563 -7.43 35.23 4.23
N ALA B 564 -8.35 35.64 5.09
CA ALA B 564 -9.12 36.85 4.87
C ALA B 564 -8.21 38.07 4.84
N ALA B 565 -6.97 37.89 5.27
CA ALA B 565 -5.95 38.88 4.98
C ALA B 565 -5.66 38.69 3.49
N GLU B 566 -4.66 37.87 3.21
CA GLU B 566 -4.54 37.25 1.89
C GLU B 566 -5.60 37.67 0.86
N GLN B 567 -6.88 37.33 1.07
CA GLN B 567 -7.90 37.69 0.07
C GLN B 567 -8.10 39.21 -0.05
N VAL B 568 -8.43 39.85 1.07
CA VAL B 568 -8.49 41.32 1.16
C VAL B 568 -7.36 41.93 0.36
N GLU B 569 -6.13 41.59 0.71
CA GLU B 569 -5.01 42.08 -0.10
C GLU B 569 -5.08 41.77 -1.60
N ILE B 570 -5.40 40.53 -1.98
CA ILE B 570 -5.36 40.12 -3.40
C ILE B 570 -6.41 40.91 -4.10
N GLN B 571 -7.55 40.98 -3.45
CA GLN B 571 -8.71 41.66 -4.01
C GLN B 571 -8.28 43.09 -4.32
N VAL B 572 -7.78 43.79 -3.30
CA VAL B 572 -7.47 45.23 -3.37
C VAL B 572 -6.35 45.57 -4.37
N LYS B 573 -5.25 44.84 -4.33
CA LYS B 573 -4.25 45.14 -5.32
C LYS B 573 -4.71 44.79 -6.74
N TYR B 574 -5.90 44.16 -6.92
CA TYR B 574 -6.49 43.77 -8.27
C TYR B 574 -8.03 43.78 -8.49
N GLU B 575 -8.66 44.96 -8.39
CA GLU B 575 -10.14 45.12 -8.43
C GLU B 575 -10.73 46.21 -9.37
N GLY B 576 -10.02 47.33 -9.56
CA GLY B 576 -10.50 48.59 -10.17
C GLY B 576 -11.72 48.69 -11.09
S SO4 C . 5.39 -18.18 -2.20
O1 SO4 C . 5.58 -19.58 -2.62
O2 SO4 C . 4.18 -18.11 -1.39
O3 SO4 C . 6.44 -17.71 -1.31
O4 SO4 C . 5.34 -17.32 -3.37
S SO4 D . -9.16 -10.43 -2.56
O1 SO4 D . -8.88 -11.73 -3.15
O2 SO4 D . -10.38 -10.46 -1.76
O3 SO4 D . -8.09 -10.02 -1.65
O4 SO4 D . -9.24 -9.52 -3.69
S SO4 E . -9.97 7.99 -13.82
O1 SO4 E . -9.39 6.72 -14.29
O2 SO4 E . -11.31 7.79 -13.26
O3 SO4 E . -9.17 8.51 -12.72
O4 SO4 E . -9.96 8.90 -14.96
S SO4 F . 4.54 0.25 -13.26
O1 SO4 F . 4.38 -1.01 -14.00
O2 SO4 F . 3.35 0.54 -12.45
O3 SO4 F . 5.68 0.19 -12.35
O4 SO4 F . 4.78 1.31 -14.23
#